data_5KYJ
#
_entry.id   5KYJ
#
_cell.length_a   69.920
_cell.length_b   100.930
_cell.length_c   145.900
_cell.angle_alpha   90.00
_cell.angle_beta   90.00
_cell.angle_gamma   90.00
#
_symmetry.space_group_name_H-M   'P 21 21 21'
#
loop_
_entity.id
_entity.type
_entity.pdbx_description
1 polymer 'Oxysterols receptor LXR-beta'
2 polymer 'Retinoic acid receptor RXR-beta'
3 non-polymer (6~{R})-5-(5-fluoranyl-2-methoxy-pyrimidin-4-yl)-2-(3-methylsulfonylphenyl)-6-propan-2-yl-4,6-dihydropyrrolo[3,4-c]pyrazole
4 water water
#
loop_
_entity_poly.entity_id
_entity_poly.type
_entity_poly.pdbx_seq_one_letter_code
_entity_poly.pdbx_strand_id
1 'polypeptide(L)'
;MGSSHHHHHHSSGLVPRGSHMGEGVQLTAAQELMIQQLVAAQLQCNKRSFSDQPKVTPWPLGADPASGSASQQRFAHFTE
LAIISVQEIVDFAKQVPGFLQLGREDQIALLKASTIEIMLLETARRYNHETECITFLKDFTYSKDDFHRAGLQVEFINPI
FEFSRAMRRLGLDDAEYALLIAINIFSADRPNVQEPGRVEALQQPYVEALLSYTRIKRPQDQLRFPRMLMKLVSLRTLSS
VHSEQVFALRLQDKKLPPLLSEIWDVHEGSGSGSHKILHRLLQDSSS
;
A,E
2 'polypeptide(L)'
;HMGAPEEMPVDRILEAELAVEQKSDQGVEGPGGTGGSGSSPNDPVTNICQAADKQLFTLVEWAKRIPHFSSLPLDDQVIL
LRAGWNELLIASFSHRSIDVRDGILLATGLHVHRNSAHSAGVGAIFDRVLTELVSKMRDMRMDKTELGCLRAIILFNPDA
KGLSNPSEVEVLREKVYASLETYCKQKYPEQQGRFAKLLLRLPALRSIGLKCLEHLFFFKLIGDTPIDTFLMEMLEAGSG
SGSHKILHRLLQDSSS
;
B,F
#
# COMPACT_ATOMS: atom_id res chain seq x y z
N VAL A 25 1.78 25.11 35.96
CA VAL A 25 1.13 26.46 36.06
C VAL A 25 2.02 27.59 35.50
N GLN A 26 3.32 27.59 35.84
CA GLN A 26 4.23 28.69 35.47
C GLN A 26 5.58 28.16 35.04
N LEU A 27 6.24 28.90 34.15
CA LEU A 27 7.49 28.46 33.55
C LEU A 27 8.72 29.16 34.13
N THR A 28 9.42 28.47 35.02
CA THR A 28 10.67 28.93 35.59
C THR A 28 11.61 29.53 34.58
N ALA A 29 12.43 30.47 35.04
CA ALA A 29 13.43 31.11 34.22
C ALA A 29 14.44 30.09 33.73
N ALA A 30 14.96 29.28 34.64
CA ALA A 30 15.85 28.18 34.26
C ALA A 30 15.27 27.30 33.16
N GLN A 31 13.95 27.07 33.22
CA GLN A 31 13.26 26.27 32.23
C GLN A 31 13.18 27.01 30.90
N GLU A 32 12.78 28.28 30.94
CA GLU A 32 12.72 29.08 29.71
C GLU A 32 14.06 29.01 28.99
N LEU A 33 15.13 29.13 29.74
CA LEU A 33 16.44 29.24 29.14
C LEU A 33 16.94 27.93 28.63
N MET A 34 16.54 26.84 29.27
CA MET A 34 16.93 25.51 28.81
C MET A 34 16.27 25.21 27.46
N ILE A 35 15.01 25.62 27.35
CA ILE A 35 14.26 25.40 26.14
C ILE A 35 14.88 26.21 25.02
N GLN A 36 15.23 27.44 25.34
CA GLN A 36 15.95 28.32 24.41
C GLN A 36 17.24 27.64 23.96
N GLN A 37 17.97 27.09 24.90
CA GLN A 37 19.23 26.42 24.59
C GLN A 37 19.02 25.29 23.60
N LEU A 38 17.90 24.57 23.78
CA LEU A 38 17.59 23.39 22.96
C LEU A 38 17.18 23.77 21.54
N VAL A 39 16.28 24.75 21.44
CA VAL A 39 15.91 25.31 20.15
C VAL A 39 17.14 25.87 19.42
N ALA A 40 17.98 26.63 20.12
CA ALA A 40 19.23 27.12 19.55
C ALA A 40 20.04 25.97 19.01
N ALA A 41 20.28 24.97 19.86
CA ALA A 41 21.12 23.82 19.51
C ALA A 41 20.67 23.17 18.21
N GLN A 42 19.36 23.11 17.98
CA GLN A 42 18.85 22.51 16.75
C GLN A 42 19.17 23.27 15.50
N LEU A 43 18.82 24.56 15.50
CA LEU A 43 19.02 25.42 14.34
C LEU A 43 20.50 25.50 13.95
N GLN A 44 21.36 25.66 14.94
CA GLN A 44 22.79 25.65 14.71
C GLN A 44 23.18 24.38 13.95
N CYS A 45 22.59 23.25 14.34
CA CYS A 45 22.93 21.94 13.76
C CYS A 45 22.41 21.77 12.34
N ASN A 46 21.28 22.38 12.01
CA ASN A 46 20.76 22.32 10.65
C ASN A 46 21.55 23.19 9.68
N LYS A 47 22.02 24.35 10.13
CA LYS A 47 22.88 25.19 9.29
C LYS A 47 24.24 24.50 8.98
N ARG A 48 24.76 23.70 9.92
CA ARG A 48 26.00 22.91 9.69
C ARG A 48 25.78 21.79 8.69
N SER A 49 24.61 21.17 8.75
CA SER A 49 24.24 20.09 7.84
C SER A 49 24.00 20.59 6.42
N PHE A 50 23.48 21.81 6.26
CA PHE A 50 23.36 22.43 4.92
C PHE A 50 24.72 22.66 4.21
N SER A 51 25.77 22.96 4.97
CA SER A 51 27.15 23.05 4.43
C SER A 51 27.45 21.82 3.56
N ASP A 52 27.06 20.65 4.05
CA ASP A 52 27.35 19.38 3.40
C ASP A 52 26.50 19.09 2.13
N GLN A 53 25.72 20.05 1.63
CA GLN A 53 24.80 19.78 0.50
C GLN A 53 25.47 19.46 -0.87
N PRO A 54 26.49 20.25 -1.30
CA PRO A 54 27.27 19.83 -2.48
C PRO A 54 28.19 18.63 -2.23
N LYS A 55 28.49 18.31 -0.97
CA LYS A 55 29.25 17.10 -0.61
C LYS A 55 28.62 15.80 -1.09
N VAL A 56 27.29 15.81 -1.19
CA VAL A 56 26.52 14.56 -1.33
C VAL A 56 26.43 14.09 -2.80
N THR A 57 26.71 12.80 -3.00
CA THR A 57 26.53 12.16 -4.29
C THR A 57 25.26 12.65 -4.92
N PRO A 58 25.34 13.23 -6.12
CA PRO A 58 24.05 13.75 -6.63
C PRO A 58 23.01 12.65 -6.88
N TRP A 59 21.74 13.03 -6.77
CA TRP A 59 20.63 12.13 -7.10
C TRP A 59 20.51 12.03 -8.62
N PRO A 60 20.66 10.82 -9.19
CA PRO A 60 20.63 10.67 -10.66
C PRO A 60 19.36 11.12 -11.36
N LEU A 61 19.58 11.84 -12.46
CA LEU A 61 18.58 12.52 -13.24
C LEU A 61 18.50 11.90 -14.62
N GLY A 62 17.30 11.93 -15.18
CA GLY A 62 17.07 11.41 -16.51
C GLY A 62 16.94 9.91 -16.43
N ALA A 63 16.69 9.30 -17.59
CA ALA A 63 16.39 7.87 -17.64
C ALA A 63 17.63 7.09 -17.21
N ASP A 64 17.39 6.02 -16.47
CA ASP A 64 18.44 5.24 -15.89
C ASP A 64 19.17 4.44 -16.95
N PRO A 65 20.49 4.51 -16.96
CA PRO A 65 21.24 3.65 -17.88
C PRO A 65 21.17 2.13 -17.57
N ALA A 66 21.26 1.32 -18.62
CA ALA A 66 21.28 -0.16 -18.52
C ALA A 66 22.21 -0.78 -17.43
N SER A 67 23.35 -0.14 -17.17
CA SER A 67 24.30 -0.57 -16.14
C SER A 67 23.68 -0.85 -14.77
N GLY A 68 22.60 -0.15 -14.44
CA GLY A 68 21.94 -0.38 -13.16
C GLY A 68 22.42 0.59 -12.11
N SER A 69 23.39 1.43 -12.46
CA SER A 69 24.14 2.19 -11.46
C SER A 69 23.41 3.38 -10.86
N ALA A 70 22.21 3.67 -11.35
CA ALA A 70 21.38 4.74 -10.80
C ALA A 70 20.71 4.26 -9.52
N SER A 71 20.36 2.98 -9.44
CA SER A 71 19.98 2.37 -8.16
C SER A 71 21.05 2.63 -7.11
N GLN A 72 22.27 2.21 -7.41
CA GLN A 72 23.36 2.24 -6.47
C GLN A 72 23.58 3.65 -6.01
N GLN A 73 23.37 4.60 -6.93
CA GLN A 73 23.55 6.00 -6.61
C GLN A 73 22.44 6.51 -5.70
N ARG A 74 21.19 6.20 -6.03
CA ARG A 74 20.09 6.65 -5.18
C ARG A 74 20.31 6.17 -3.76
N PHE A 75 20.68 4.91 -3.63
CA PHE A 75 20.90 4.32 -2.33
C PHE A 75 22.08 4.95 -1.60
N ALA A 76 23.15 5.26 -2.32
CA ALA A 76 24.30 5.95 -1.72
C ALA A 76 23.93 7.34 -1.25
N HIS A 77 23.10 8.02 -2.04
CA HIS A 77 22.64 9.36 -1.74
C HIS A 77 21.87 9.38 -0.40
N PHE A 78 20.84 8.54 -0.32
CA PHE A 78 20.00 8.43 0.89
C PHE A 78 20.84 8.12 2.11
N THR A 79 21.73 7.19 1.92
CA THR A 79 22.57 6.77 2.97
C THR A 79 23.47 7.91 3.45
N GLU A 80 23.91 8.77 2.54
CA GLU A 80 24.78 9.88 2.92
C GLU A 80 23.97 10.92 3.67
N LEU A 81 22.69 11.02 3.35
CA LEU A 81 21.80 11.87 4.09
C LEU A 81 21.64 11.39 5.54
N ALA A 82 21.42 10.11 5.72
CA ALA A 82 21.30 9.57 7.05
C ALA A 82 22.53 9.94 7.84
N ILE A 83 23.70 9.72 7.24
CA ILE A 83 24.96 9.97 7.93
C ILE A 83 24.97 11.39 8.45
N ILE A 84 24.61 12.33 7.59
CA ILE A 84 24.57 13.70 8.01
C ILE A 84 23.61 13.85 9.23
N SER A 85 22.49 13.16 9.20
CA SER A 85 21.57 13.19 10.34
C SER A 85 22.25 12.71 11.61
N VAL A 86 22.97 11.61 11.51
CA VAL A 86 23.61 11.07 12.68
C VAL A 86 24.56 12.11 13.26
N GLN A 87 25.33 12.73 12.38
CA GLN A 87 26.25 13.78 12.78
C GLN A 87 25.51 14.93 13.47
N GLU A 88 24.41 15.35 12.87
CA GLU A 88 23.59 16.46 13.36
C GLU A 88 23.08 16.10 14.76
N ILE A 89 22.64 14.86 14.90
CA ILE A 89 22.10 14.34 16.15
C ILE A 89 23.14 14.31 17.27
N VAL A 90 24.33 13.79 16.96
CA VAL A 90 25.44 13.80 17.93
C VAL A 90 25.82 15.22 18.37
N ASP A 91 25.93 16.13 17.40
CA ASP A 91 26.22 17.52 17.69
C ASP A 91 25.12 18.10 18.57
N PHE A 92 23.89 17.70 18.32
CA PHE A 92 22.79 18.14 19.15
C PHE A 92 22.86 17.61 20.58
N ALA A 93 23.12 16.32 20.74
CA ALA A 93 23.11 15.70 22.06
C ALA A 93 24.14 16.37 22.95
N LYS A 94 25.34 16.57 22.38
CA LYS A 94 26.46 17.24 23.06
C LYS A 94 26.06 18.60 23.63
N GLN A 95 25.10 19.27 23.02
CA GLN A 95 24.63 20.54 23.53
C GLN A 95 23.47 20.45 24.50
N VAL A 96 22.99 19.23 24.75
CA VAL A 96 21.89 19.05 25.69
C VAL A 96 22.45 19.03 27.12
N PRO A 97 21.99 19.96 27.95
CA PRO A 97 22.58 19.97 29.30
C PRO A 97 22.49 18.60 29.97
N GLY A 98 23.63 18.07 30.38
CA GLY A 98 23.67 16.82 31.16
C GLY A 98 24.28 15.71 30.34
N PHE A 99 23.99 15.72 29.06
CA PHE A 99 24.39 14.60 28.24
C PHE A 99 25.88 14.35 28.36
N LEU A 100 26.68 15.42 28.36
CA LEU A 100 28.14 15.25 28.39
C LEU A 100 28.64 14.88 29.78
N GLN A 101 27.89 15.25 30.80
CA GLN A 101 28.17 14.79 32.15
C GLN A 101 27.86 13.29 32.35
N LEU A 102 27.58 12.53 31.29
CA LEU A 102 27.45 11.08 31.40
C LEU A 102 28.68 10.37 30.90
N GLY A 103 28.84 9.13 31.34
CA GLY A 103 29.92 8.27 30.89
C GLY A 103 29.83 7.97 29.42
N ARG A 104 30.98 7.86 28.79
CA ARG A 104 31.08 7.78 27.34
C ARG A 104 30.41 6.53 26.76
N GLU A 105 30.43 5.42 27.48
CA GLU A 105 29.78 4.23 26.94
C GLU A 105 28.26 4.39 27.01
N ASP A 106 27.75 5.10 28.03
CA ASP A 106 26.32 5.44 28.12
C ASP A 106 25.86 6.43 27.06
N GLN A 107 26.67 7.44 26.79
CA GLN A 107 26.42 8.38 25.69
C GLN A 107 26.14 7.62 24.38
N ILE A 108 26.97 6.62 24.12
CA ILE A 108 26.89 5.82 22.93
C ILE A 108 25.65 4.90 22.90
N ALA A 109 25.39 4.25 24.03
CA ALA A 109 24.26 3.35 24.16
C ALA A 109 22.99 4.14 23.89
N LEU A 110 22.94 5.35 24.41
CA LEU A 110 21.83 6.24 24.21
C LEU A 110 21.66 6.75 22.79
N LEU A 111 22.73 7.00 22.09
CA LEU A 111 22.64 7.54 20.75
C LEU A 111 22.42 6.49 19.72
N LYS A 112 22.83 5.29 20.04
CA LYS A 112 22.58 4.16 19.20
C LYS A 112 21.11 3.84 19.16
N ALA A 113 20.50 3.73 20.31
CA ALA A 113 19.11 3.34 20.37
C ALA A 113 18.22 4.41 19.81
N SER A 114 18.60 5.66 20.00
CA SER A 114 17.67 6.75 19.76
C SER A 114 17.84 7.39 18.41
N THR A 115 18.88 7.02 17.68
CA THR A 115 19.15 7.70 16.42
C THR A 115 18.01 7.49 15.46
N ILE A 116 17.65 6.26 15.21
CA ILE A 116 16.57 6.03 14.28
C ILE A 116 15.29 6.78 14.68
N GLU A 117 15.06 6.92 15.98
CA GLU A 117 13.84 7.54 16.47
C GLU A 117 13.86 9.02 16.18
N ILE A 118 14.99 9.64 16.44
CA ILE A 118 15.15 11.03 16.21
C ILE A 118 15.15 11.30 14.73
N MET A 119 15.89 10.50 13.98
CA MET A 119 15.79 10.53 12.52
C MET A 119 14.34 10.56 12.03
N LEU A 120 13.48 9.76 12.65
CA LEU A 120 12.09 9.70 12.29
C LEU A 120 11.32 10.91 12.74
N LEU A 121 11.64 11.46 13.90
CA LEU A 121 11.06 12.76 14.30
C LEU A 121 11.45 13.86 13.30
N GLU A 122 12.72 13.91 12.92
CA GLU A 122 13.18 14.95 12.04
C GLU A 122 12.52 14.81 10.71
N THR A 123 12.49 13.61 10.21
CA THR A 123 11.77 13.34 8.96
C THR A 123 10.36 13.90 8.91
N ALA A 124 9.60 13.64 9.97
CA ALA A 124 8.23 14.13 10.08
C ALA A 124 8.15 15.67 10.08
N ARG A 125 9.08 16.26 10.80
CA ARG A 125 9.24 17.70 10.87
C ARG A 125 9.47 18.31 9.48
N ARG A 126 10.08 17.55 8.57
CA ARG A 126 10.35 18.00 7.23
C ARG A 126 9.32 17.48 6.21
N TYR A 127 8.15 17.10 6.69
CA TYR A 127 7.13 16.56 5.82
C TYR A 127 6.15 17.63 5.46
N ASN A 128 5.66 17.54 4.22
CA ASN A 128 4.71 18.48 3.67
C ASN A 128 3.45 17.72 3.23
N HIS A 129 2.32 17.96 3.90
CA HIS A 129 1.09 17.23 3.60
C HIS A 129 0.57 17.54 2.20
N GLU A 130 0.86 18.73 1.70
CA GLU A 130 0.31 19.13 0.42
C GLU A 130 1.04 18.46 -0.77
N THR A 131 2.37 18.42 -0.76
CA THR A 131 3.10 17.63 -1.75
C THR A 131 3.24 16.16 -1.39
N GLU A 132 2.81 15.77 -0.19
CA GLU A 132 3.04 14.41 0.29
C GLU A 132 4.53 14.07 0.11
N CYS A 133 5.41 15.04 0.40
CA CYS A 133 6.85 14.90 0.20
C CYS A 133 7.68 15.32 1.40
N ILE A 134 8.90 14.80 1.45
CA ILE A 134 9.81 15.09 2.53
C ILE A 134 11.06 15.81 2.06
N THR A 135 11.40 16.89 2.72
CA THR A 135 12.49 17.71 2.27
C THR A 135 13.71 17.54 3.18
N PHE A 136 14.78 17.02 2.62
CA PHE A 136 16.02 16.83 3.35
C PHE A 136 17.02 17.92 2.99
N LEU A 137 17.81 18.33 3.98
CA LEU A 137 18.71 19.46 3.86
C LEU A 137 17.88 20.67 3.49
N LYS A 138 18.29 21.42 2.47
CA LYS A 138 17.59 22.66 2.10
C LYS A 138 16.44 22.37 1.13
N ASP A 139 16.74 21.69 0.02
CA ASP A 139 15.79 21.59 -1.09
C ASP A 139 15.93 20.28 -1.85
N PHE A 140 16.18 19.19 -1.13
CA PHE A 140 16.12 17.86 -1.70
C PHE A 140 14.79 17.25 -1.29
N THR A 141 13.86 17.20 -2.25
CA THR A 141 12.50 16.78 -1.97
C THR A 141 12.22 15.38 -2.52
N TYR A 142 11.68 14.53 -1.66
CA TYR A 142 11.46 13.12 -1.98
C TYR A 142 10.07 12.64 -1.64
N SER A 143 9.46 12.00 -2.62
CA SER A 143 8.17 11.37 -2.47
C SER A 143 8.31 9.96 -1.93
N LYS A 144 7.18 9.36 -1.51
CA LYS A 144 7.11 7.92 -1.20
C LYS A 144 7.88 7.10 -2.20
N ASP A 145 7.66 7.37 -3.48
CA ASP A 145 8.24 6.54 -4.52
C ASP A 145 9.75 6.76 -4.66
N ASP A 146 10.20 7.98 -4.42
CA ASP A 146 11.64 8.24 -4.40
C ASP A 146 12.29 7.35 -3.33
N PHE A 147 11.58 7.18 -2.22
CA PHE A 147 12.08 6.38 -1.12
C PHE A 147 12.21 4.95 -1.58
N HIS A 148 11.23 4.48 -2.35
CA HIS A 148 11.33 3.14 -2.89
C HIS A 148 12.45 3.01 -3.91
N ARG A 149 12.61 3.99 -4.79
CA ARG A 149 13.70 3.98 -5.75
C ARG A 149 15.08 4.00 -5.10
N ALA A 150 15.15 4.53 -3.89
CA ALA A 150 16.42 4.61 -3.16
C ALA A 150 16.71 3.35 -2.38
N GLY A 151 15.84 2.34 -2.50
CA GLY A 151 16.11 1.01 -1.93
C GLY A 151 15.34 0.58 -0.69
N LEU A 152 14.55 1.47 -0.11
CA LEU A 152 13.76 1.14 1.05
C LEU A 152 12.48 0.46 0.63
N GLN A 153 11.94 -0.38 1.51
CA GLN A 153 10.75 -1.16 1.20
C GLN A 153 9.49 -0.53 1.75
N VAL A 154 8.37 -0.86 1.12
CA VAL A 154 7.06 -0.32 1.45
C VAL A 154 6.65 -0.59 2.90
N GLU A 155 7.06 -1.73 3.43
CA GLU A 155 6.74 -2.10 4.79
C GLU A 155 7.36 -1.10 5.77
N PHE A 156 8.41 -0.42 5.33
CA PHE A 156 9.04 0.66 6.08
C PHE A 156 8.55 2.06 5.65
N ILE A 157 8.43 2.26 4.36
CA ILE A 157 8.12 3.57 3.84
C ILE A 157 6.74 4.04 4.31
N ASN A 158 5.75 3.18 4.20
CA ASN A 158 4.42 3.55 4.62
C ASN A 158 4.33 4.01 6.09
N PRO A 159 4.80 3.17 7.04
CA PRO A 159 4.84 3.63 8.43
C PRO A 159 5.52 4.98 8.60
N ILE A 160 6.62 5.23 7.88
CA ILE A 160 7.31 6.52 7.99
C ILE A 160 6.36 7.67 7.63
N PHE A 161 5.60 7.51 6.54
CA PHE A 161 4.67 8.56 6.12
C PHE A 161 3.39 8.57 6.99
N GLU A 162 2.93 7.42 7.50
CA GLU A 162 1.76 7.42 8.45
C GLU A 162 2.22 8.24 9.67
N PHE A 163 3.46 8.03 10.07
CA PHE A 163 3.96 8.70 11.28
C PHE A 163 4.07 10.19 11.05
N SER A 164 4.58 10.58 9.90
CA SER A 164 4.66 11.97 9.54
C SER A 164 3.32 12.64 9.60
N ARG A 165 2.29 11.97 9.10
CA ARG A 165 0.94 12.54 9.11
C ARG A 165 0.49 12.72 10.54
N ALA A 166 0.68 11.72 11.36
CA ALA A 166 0.19 11.82 12.72
C ALA A 166 0.88 13.00 13.39
N MET A 167 2.18 13.11 13.17
CA MET A 167 2.95 14.20 13.75
C MET A 167 2.44 15.57 13.30
N ARG A 168 2.24 15.73 12.00
CA ARG A 168 1.67 16.96 11.47
C ARG A 168 0.37 17.30 12.21
N ARG A 169 -0.56 16.35 12.32
CA ARG A 169 -1.82 16.57 13.07
C ARG A 169 -1.63 17.20 14.45
N LEU A 170 -0.52 16.89 15.11
CA LEU A 170 -0.24 17.42 16.46
C LEU A 170 0.20 18.89 16.49
N GLY A 171 0.76 19.39 15.39
CA GLY A 171 1.19 20.78 15.30
C GLY A 171 2.26 21.24 16.26
N LEU A 172 3.31 20.47 16.46
CA LEU A 172 4.35 20.82 17.43
C LEU A 172 5.14 22.02 16.96
N ASP A 173 5.56 22.87 17.89
CA ASP A 173 6.44 23.98 17.56
C ASP A 173 7.86 23.59 17.86
N ASP A 174 8.80 24.47 17.56
CA ASP A 174 10.20 24.11 17.62
C ASP A 174 10.69 23.73 18.99
N ALA A 175 10.05 24.29 20.01
CA ALA A 175 10.41 24.01 21.38
C ALA A 175 9.88 22.63 21.80
N GLU A 176 8.64 22.32 21.42
CA GLU A 176 8.05 21.03 21.75
C GLU A 176 8.87 19.92 21.10
N TYR A 177 9.26 20.09 19.85
CA TYR A 177 10.12 19.11 19.19
C TYR A 177 11.43 18.94 19.93
N ALA A 178 12.09 20.04 20.22
CA ALA A 178 13.41 19.96 20.84
C ALA A 178 13.36 19.22 22.16
N LEU A 179 12.30 19.49 22.93
CA LEU A 179 12.12 18.85 24.21
C LEU A 179 11.85 17.38 24.06
N LEU A 180 10.91 17.05 23.21
CA LEU A 180 10.58 15.67 22.97
C LEU A 180 11.82 14.86 22.51
N ILE A 181 12.76 15.52 21.84
CA ILE A 181 13.92 14.83 21.35
C ILE A 181 14.84 14.56 22.50
N ALA A 182 15.01 15.54 23.37
CA ALA A 182 15.84 15.38 24.55
C ALA A 182 15.28 14.28 25.46
N ILE A 183 13.98 14.33 25.69
CA ILE A 183 13.34 13.29 26.47
C ILE A 183 13.62 11.89 25.89
N ASN A 184 13.51 11.78 24.57
CA ASN A 184 13.80 10.54 23.89
C ASN A 184 15.20 10.04 24.17
N ILE A 185 16.18 10.93 24.12
CA ILE A 185 17.58 10.53 24.32
C ILE A 185 17.82 9.92 25.70
N PHE A 186 17.14 10.48 26.70
CA PHE A 186 17.33 10.08 28.07
C PHE A 186 16.29 9.04 28.43
N SER A 187 16.29 7.97 27.64
CA SER A 187 15.48 6.78 27.89
C SER A 187 16.36 5.75 28.60
N ALA A 188 16.05 5.44 29.85
CA ALA A 188 16.96 4.61 30.65
C ALA A 188 16.91 3.12 30.29
N ASP A 189 15.92 2.74 29.48
CA ASP A 189 15.69 1.34 29.18
C ASP A 189 16.40 0.92 27.92
N ARG A 190 17.30 1.72 27.41
CA ARG A 190 18.03 1.27 26.24
C ARG A 190 18.98 0.13 26.63
N PRO A 191 19.35 -0.68 25.65
CA PRO A 191 20.35 -1.70 25.86
C PRO A 191 21.68 -1.11 26.28
N ASN A 192 22.34 -1.78 27.24
CA ASN A 192 23.72 -1.47 27.67
C ASN A 192 23.91 -0.15 28.41
N VAL A 193 22.81 0.39 28.90
CA VAL A 193 22.88 1.57 29.70
C VAL A 193 23.37 1.11 31.06
N GLN A 194 24.50 1.69 31.47
CA GLN A 194 25.15 1.28 32.70
C GLN A 194 24.72 2.09 33.92
N GLU A 195 24.29 3.35 33.72
CA GLU A 195 23.83 4.17 34.83
C GLU A 195 22.38 4.66 34.61
N PRO A 196 21.43 3.74 34.56
CA PRO A 196 20.04 4.12 34.29
C PRO A 196 19.42 5.10 35.26
N GLY A 197 19.75 5.00 36.54
CA GLY A 197 19.19 5.93 37.53
C GLY A 197 19.50 7.36 37.17
N ARG A 198 20.73 7.60 36.76
CA ARG A 198 21.16 8.92 36.27
C ARG A 198 20.38 9.38 35.06
N VAL A 199 20.14 8.47 34.11
CA VAL A 199 19.42 8.80 32.90
C VAL A 199 17.97 9.21 33.18
N GLU A 200 17.27 8.48 34.05
CA GLU A 200 15.90 8.89 34.40
C GLU A 200 15.95 10.21 35.08
N ALA A 201 16.97 10.41 35.90
CA ALA A 201 17.13 11.66 36.65
C ALA A 201 17.33 12.81 35.67
N LEU A 202 18.18 12.63 34.68
CA LEU A 202 18.34 13.63 33.64
C LEU A 202 17.06 13.87 32.87
N GLN A 203 16.36 12.79 32.53
CA GLN A 203 15.18 12.91 31.71
C GLN A 203 14.11 13.77 32.37
N GLN A 204 14.04 13.70 33.68
CA GLN A 204 12.86 14.14 34.38
C GLN A 204 12.59 15.66 34.27
N PRO A 205 13.63 16.49 34.35
CA PRO A 205 13.39 17.93 34.17
C PRO A 205 12.89 18.28 32.80
N TYR A 206 13.37 17.57 31.80
CA TYR A 206 12.88 17.77 30.44
C TYR A 206 11.40 17.40 30.29
N VAL A 207 10.98 16.32 30.91
CA VAL A 207 9.56 16.00 30.95
C VAL A 207 8.77 17.08 31.67
N GLU A 208 9.32 17.56 32.80
CA GLU A 208 8.68 18.61 33.61
C GLU A 208 8.53 19.89 32.82
N ALA A 209 9.60 20.27 32.13
CA ALA A 209 9.56 21.45 31.27
C ALA A 209 8.50 21.37 30.18
N LEU A 210 8.40 20.20 29.55
CA LEU A 210 7.43 19.99 28.49
C LEU A 210 6.02 20.08 29.03
N LEU A 211 5.83 19.59 30.24
CA LEU A 211 4.51 19.70 30.86
C LEU A 211 4.13 21.18 30.96
N SER A 212 5.00 21.97 31.58
CA SER A 212 4.77 23.38 31.79
C SER A 212 4.59 24.10 30.47
N TYR A 213 5.56 23.96 29.58
CA TYR A 213 5.48 24.69 28.32
C TYR A 213 4.16 24.45 27.64
N THR A 214 3.80 23.18 27.46
CA THR A 214 2.57 22.84 26.74
C THR A 214 1.33 23.39 27.43
N ARG A 215 1.37 23.43 28.75
CA ARG A 215 0.20 23.84 29.54
C ARG A 215 -0.01 25.37 29.56
N ILE A 216 1.10 26.09 29.37
CA ILE A 216 1.07 27.51 29.13
C ILE A 216 0.73 27.85 27.68
N LYS A 217 1.41 27.22 26.72
CA LYS A 217 1.15 27.44 25.29
C LYS A 217 -0.31 27.24 24.93
N ARG A 218 -0.92 26.17 25.41
CA ARG A 218 -2.25 25.77 24.98
C ARG A 218 -3.01 25.25 26.18
N PRO A 219 -3.47 26.15 27.06
CA PRO A 219 -4.14 25.69 28.28
C PRO A 219 -5.47 25.00 28.03
N GLN A 220 -6.18 25.37 26.97
CA GLN A 220 -7.46 24.74 26.65
C GLN A 220 -7.29 23.28 26.19
N ASP A 221 -6.12 22.96 25.59
CA ASP A 221 -5.79 21.61 25.12
C ASP A 221 -4.91 20.81 26.10
N GLN A 222 -5.55 20.23 27.11
CA GLN A 222 -4.85 19.50 28.16
C GLN A 222 -4.26 18.16 27.67
N LEU A 223 -4.76 17.68 26.54
CA LEU A 223 -4.35 16.40 26.01
C LEU A 223 -3.04 16.44 25.20
N ARG A 224 -2.54 17.64 24.93
CA ARG A 224 -1.33 17.78 24.13
C ARG A 224 -0.16 17.00 24.74
N PHE A 225 0.05 17.14 26.05
CA PHE A 225 1.17 16.51 26.75
C PHE A 225 1.18 14.98 26.65
N PRO A 226 0.10 14.31 27.07
CA PRO A 226 0.12 12.86 26.93
C PRO A 226 0.16 12.36 25.45
N ARG A 227 -0.55 13.04 24.57
CA ARG A 227 -0.44 12.73 23.16
C ARG A 227 1.02 12.67 22.76
N MET A 228 1.79 13.63 23.25
CA MET A 228 3.19 13.74 22.87
C MET A 228 4.00 12.60 23.44
N LEU A 229 3.77 12.29 24.70
CA LEU A 229 4.51 11.24 25.32
C LEU A 229 4.20 9.93 24.63
N MET A 230 2.97 9.75 24.16
CA MET A 230 2.61 8.51 23.52
C MET A 230 3.33 8.28 22.19
N LYS A 231 3.84 9.34 21.58
CA LYS A 231 4.65 9.19 20.40
C LYS A 231 5.95 8.47 20.69
N LEU A 232 6.45 8.59 21.92
CA LEU A 232 7.62 7.80 22.32
C LEU A 232 7.34 6.30 22.21
N VAL A 233 6.10 5.91 22.48
CA VAL A 233 5.68 4.55 22.31
C VAL A 233 5.70 4.21 20.83
N SER A 234 5.01 4.99 20.02
CA SER A 234 5.04 4.78 18.57
C SER A 234 6.43 4.57 18.02
N LEU A 235 7.38 5.37 18.48
CA LEU A 235 8.75 5.30 17.98
C LEU A 235 9.44 3.98 18.32
N ARG A 236 9.04 3.32 19.41
CA ARG A 236 9.58 2.01 19.69
C ARG A 236 9.16 1.02 18.57
N THR A 237 7.88 1.06 18.18
CA THR A 237 7.40 0.22 17.10
C THR A 237 8.15 0.52 15.80
N LEU A 238 8.30 1.78 15.46
CA LEU A 238 8.97 2.15 14.25
C LEU A 238 10.40 1.75 14.23
N SER A 239 11.02 1.69 15.39
CA SER A 239 12.38 1.25 15.50
C SER A 239 12.45 -0.17 15.10
N SER A 240 11.40 -0.89 15.40
CA SER A 240 11.30 -2.28 15.16
C SER A 240 11.11 -2.50 13.72
N VAL A 241 10.18 -1.76 13.16
CA VAL A 241 9.98 -1.78 11.71
C VAL A 241 11.23 -1.41 10.95
N HIS A 242 12.04 -0.56 11.53
CA HIS A 242 13.32 -0.25 10.92
C HIS A 242 14.33 -1.39 10.99
N SER A 243 14.29 -2.21 12.04
CA SER A 243 15.10 -3.45 12.06
C SER A 243 14.66 -4.38 10.95
N GLU A 244 13.36 -4.52 10.76
CA GLU A 244 12.93 -5.29 9.62
C GLU A 244 13.50 -4.76 8.29
N GLN A 245 13.61 -3.45 8.14
CA GLN A 245 14.23 -2.87 6.96
C GLN A 245 15.69 -3.27 6.82
N VAL A 246 16.42 -3.24 7.93
CA VAL A 246 17.80 -3.74 7.88
C VAL A 246 17.91 -5.22 7.49
N PHE A 247 17.01 -6.03 8.00
CA PHE A 247 16.94 -7.42 7.62
C PHE A 247 16.97 -7.48 6.08
N ALA A 248 15.95 -6.90 5.45
CA ALA A 248 15.77 -6.94 4.00
C ALA A 248 16.94 -6.37 3.17
N LEU A 249 17.73 -5.46 3.75
CA LEU A 249 18.89 -4.91 3.05
C LEU A 249 19.99 -5.95 2.89
N ARG A 250 20.12 -6.81 3.90
CA ARG A 250 21.14 -7.83 3.89
C ARG A 250 20.72 -8.97 2.99
N LEU A 251 19.42 -9.21 2.98
CA LEU A 251 18.80 -10.16 2.08
C LEU A 251 18.97 -9.75 0.61
N GLN A 252 19.07 -8.45 0.34
CA GLN A 252 19.31 -7.92 -1.00
C GLN A 252 20.74 -7.49 -1.23
N ASP A 253 21.64 -7.77 -0.28
CA ASP A 253 23.07 -7.43 -0.40
C ASP A 253 23.34 -5.97 -0.56
N LYS A 254 22.43 -5.12 -0.08
CA LYS A 254 22.68 -3.70 -0.01
C LYS A 254 23.54 -3.49 1.24
N LYS A 255 24.66 -2.80 1.10
CA LYS A 255 25.62 -2.68 2.18
C LYS A 255 25.68 -1.23 2.64
N LEU A 256 25.52 -1.03 3.95
CA LEU A 256 25.46 0.31 4.52
C LEU A 256 26.86 0.75 4.82
N PRO A 257 27.11 2.05 4.79
CA PRO A 257 28.41 2.56 5.20
C PRO A 257 28.81 2.16 6.62
N PRO A 258 30.06 2.45 6.98
CA PRO A 258 30.53 2.00 8.28
C PRO A 258 29.72 2.59 9.43
N LEU A 259 29.51 3.90 9.43
CA LEU A 259 28.85 4.58 10.55
C LEU A 259 27.45 4.04 10.78
N LEU A 260 26.68 3.87 9.71
CA LEU A 260 25.35 3.27 9.85
C LEU A 260 25.39 1.79 10.25
N SER A 261 26.40 1.06 9.80
CA SER A 261 26.52 -0.35 10.18
C SER A 261 26.86 -0.42 11.65
N GLU A 262 27.76 0.45 12.09
CA GLU A 262 28.18 0.54 13.47
C GLU A 262 26.97 0.71 14.36
N ILE A 263 26.17 1.70 14.01
CA ILE A 263 25.06 2.13 14.80
C ILE A 263 23.83 1.19 14.73
N TRP A 264 23.68 0.44 13.65
CA TRP A 264 22.57 -0.51 13.51
C TRP A 264 23.02 -2.00 13.41
N ASP A 265 24.17 -2.34 14.01
CA ASP A 265 24.73 -3.72 14.05
C ASP A 265 24.69 -4.49 12.71
N VAL A 266 25.57 -4.14 11.78
CA VAL A 266 25.64 -4.82 10.46
C VAL A 266 27.10 -4.83 9.92
N LYS A 276 33.49 2.73 17.45
CA LYS A 276 34.73 3.17 16.90
C LYS A 276 34.59 4.55 16.35
N ILE A 277 33.70 4.73 15.39
CA ILE A 277 33.56 6.02 14.73
C ILE A 277 32.79 6.95 15.60
N LEU A 278 31.60 6.51 15.91
CA LEU A 278 30.72 7.26 16.78
C LEU A 278 31.46 7.83 17.98
N HIS A 279 32.36 7.03 18.54
CA HIS A 279 33.24 7.46 19.60
C HIS A 279 33.99 8.74 19.17
N ARG A 280 34.58 8.70 17.97
CA ARG A 280 35.32 9.85 17.45
C ARG A 280 34.47 11.10 17.36
N LEU A 281 33.25 10.95 16.86
CA LEU A 281 32.33 12.08 16.68
C LEU A 281 32.01 12.73 18.02
N LEU A 282 31.94 11.94 19.07
CA LEU A 282 31.73 12.47 20.41
C LEU A 282 32.96 13.18 20.89
N GLN A 283 34.12 12.56 20.70
CA GLN A 283 35.41 13.10 21.16
C GLN A 283 35.80 14.45 20.52
N ASP A 284 35.48 14.68 19.24
CA ASP A 284 35.56 16.03 18.69
C ASP A 284 34.66 16.93 19.53
N GLU B 6 -17.08 11.35 34.94
CA GLU B 6 -16.24 11.06 33.74
C GLU B 6 -16.98 10.11 32.78
N GLU B 7 -16.67 10.19 31.48
CA GLU B 7 -17.20 9.23 30.48
C GLU B 7 -16.34 7.96 30.38
N MET B 8 -15.19 8.02 31.05
CA MET B 8 -14.31 6.91 31.27
C MET B 8 -14.00 6.92 32.77
N PRO B 9 -14.98 6.51 33.59
CA PRO B 9 -14.83 6.62 35.05
C PRO B 9 -13.81 5.61 35.57
N VAL B 10 -12.80 6.08 36.28
CA VAL B 10 -11.78 5.18 36.80
C VAL B 10 -12.33 4.10 37.76
N ASP B 11 -13.44 4.38 38.44
CA ASP B 11 -14.07 3.40 39.31
C ASP B 11 -14.43 2.16 38.50
N ARG B 12 -15.10 2.36 37.38
CA ARG B 12 -15.51 1.25 36.54
C ARG B 12 -14.30 0.47 36.05
N ILE B 13 -13.22 1.18 35.71
CA ILE B 13 -11.94 0.55 35.31
C ILE B 13 -11.32 -0.29 36.44
N LEU B 14 -11.31 0.25 37.66
CA LEU B 14 -10.86 -0.50 38.83
C LEU B 14 -11.71 -1.75 39.04
N GLU B 15 -13.03 -1.62 38.87
CA GLU B 15 -13.93 -2.76 39.01
C GLU B 15 -13.47 -3.90 38.09
N ALA B 16 -13.15 -3.55 36.85
CA ALA B 16 -12.70 -4.55 35.87
C ALA B 16 -11.43 -5.28 36.30
N GLU B 17 -10.44 -4.57 36.83
CA GLU B 17 -9.25 -5.27 37.34
C GLU B 17 -9.55 -6.21 38.51
N LEU B 18 -10.43 -5.81 39.41
CA LEU B 18 -10.75 -6.60 40.61
C LEU B 18 -11.62 -7.80 40.27
N ALA B 19 -12.60 -7.57 39.40
CA ALA B 19 -13.42 -8.66 38.83
C ALA B 19 -12.62 -9.82 38.23
N VAL B 20 -11.35 -9.59 37.90
CA VAL B 20 -10.50 -10.69 37.45
C VAL B 20 -9.44 -11.03 38.50
N GLU B 21 -9.82 -10.98 39.79
CA GLU B 21 -9.05 -11.56 40.91
C GLU B 21 -7.71 -10.87 41.12
N ASP B 43 9.56 -26.87 34.03
CA ASP B 43 9.99 -26.24 32.78
C ASP B 43 9.39 -24.83 32.51
N PRO B 44 10.19 -23.77 32.63
CA PRO B 44 9.66 -22.40 32.57
C PRO B 44 8.83 -22.05 31.34
N VAL B 45 9.31 -22.43 30.16
CA VAL B 45 8.73 -21.96 28.91
C VAL B 45 7.31 -22.48 28.72
N THR B 46 7.11 -23.75 29.06
CA THR B 46 5.80 -24.35 28.99
C THR B 46 4.84 -23.69 29.94
N ASN B 47 5.33 -23.48 31.17
CA ASN B 47 4.50 -22.92 32.25
C ASN B 47 4.01 -21.53 31.91
N ILE B 48 4.83 -20.81 31.16
CA ILE B 48 4.49 -19.47 30.73
C ILE B 48 3.44 -19.52 29.64
N CYS B 49 3.60 -20.40 28.67
CA CYS B 49 2.56 -20.54 27.63
C CYS B 49 1.24 -21.02 28.21
N GLN B 50 1.33 -21.90 29.19
CA GLN B 50 0.16 -22.45 29.83
C GLN B 50 -0.60 -21.38 30.60
N ALA B 51 0.13 -20.59 31.39
CA ALA B 51 -0.47 -19.45 32.09
C ALA B 51 -1.02 -18.39 31.12
N ALA B 52 -0.35 -18.20 29.99
CA ALA B 52 -0.80 -17.27 28.97
C ALA B 52 -2.13 -17.68 28.37
N ASP B 53 -2.24 -18.95 27.95
CA ASP B 53 -3.54 -19.49 27.46
C ASP B 53 -4.62 -19.26 28.51
N LYS B 54 -4.32 -19.56 29.78
CA LYS B 54 -5.32 -19.38 30.83
C LYS B 54 -5.84 -17.95 30.84
N GLN B 55 -4.92 -17.00 30.78
CA GLN B 55 -5.25 -15.59 30.99
C GLN B 55 -5.94 -14.91 29.81
N LEU B 56 -5.69 -15.44 28.61
CA LEU B 56 -6.37 -14.93 27.43
C LEU B 56 -7.88 -14.99 27.61
N PHE B 57 -8.36 -16.05 28.25
CA PHE B 57 -9.79 -16.19 28.53
C PHE B 57 -10.24 -15.06 29.45
N THR B 58 -9.56 -14.94 30.58
CA THR B 58 -9.81 -13.87 31.52
C THR B 58 -9.74 -12.48 30.90
N LEU B 59 -8.78 -12.29 30.01
CA LEU B 59 -8.55 -10.99 29.41
C LEU B 59 -9.74 -10.49 28.59
N VAL B 60 -10.51 -11.42 28.02
CA VAL B 60 -11.70 -11.05 27.27
C VAL B 60 -12.77 -10.57 28.20
N GLU B 61 -12.91 -11.21 29.37
CA GLU B 61 -13.88 -10.76 30.35
C GLU B 61 -13.47 -9.40 30.93
N TRP B 62 -12.18 -9.22 31.21
CA TRP B 62 -11.62 -7.88 31.55
C TRP B 62 -11.92 -6.78 30.52
N ALA B 63 -11.69 -7.05 29.26
CA ALA B 63 -11.93 -6.05 28.24
C ALA B 63 -13.41 -5.65 28.16
N LYS B 64 -14.28 -6.66 28.28
CA LYS B 64 -15.73 -6.42 28.21
C LYS B 64 -16.21 -5.45 29.26
N ARG B 65 -15.59 -5.46 30.43
CA ARG B 65 -15.93 -4.55 31.53
C ARG B 65 -15.24 -3.18 31.51
N ILE B 66 -14.46 -2.90 30.49
CA ILE B 66 -13.94 -1.56 30.28
C ILE B 66 -15.02 -0.75 29.56
N PRO B 67 -15.32 0.47 30.06
CA PRO B 67 -16.33 1.33 29.44
C PRO B 67 -16.16 1.41 27.93
N HIS B 68 -17.26 1.22 27.20
CA HIS B 68 -17.36 1.44 25.74
C HIS B 68 -16.65 0.42 24.85
N PHE B 69 -15.88 -0.48 25.42
CA PHE B 69 -15.19 -1.45 24.60
C PHE B 69 -16.22 -2.22 23.79
N SER B 70 -17.25 -2.74 24.47
CA SER B 70 -18.25 -3.59 23.80
C SER B 70 -19.20 -2.83 22.86
N SER B 71 -19.27 -1.50 22.98
CA SER B 71 -20.02 -0.69 22.02
C SER B 71 -19.39 -0.67 20.66
N LEU B 72 -18.10 -0.93 20.60
CA LEU B 72 -17.42 -0.87 19.34
C LEU B 72 -17.89 -2.02 18.47
N PRO B 73 -17.83 -1.86 17.13
CA PRO B 73 -17.98 -2.99 16.21
C PRO B 73 -17.22 -4.23 16.69
N LEU B 74 -17.76 -5.40 16.41
CA LEU B 74 -17.18 -6.66 16.89
C LEU B 74 -15.82 -6.97 16.25
N ASP B 75 -15.68 -6.64 14.96
CA ASP B 75 -14.40 -6.82 14.24
C ASP B 75 -13.32 -5.93 14.82
N ASP B 76 -13.72 -4.78 15.35
CA ASP B 76 -12.79 -3.86 16.00
C ASP B 76 -12.42 -4.34 17.41
N GLN B 77 -13.38 -4.90 18.13
CA GLN B 77 -13.04 -5.51 19.39
C GLN B 77 -12.00 -6.63 19.21
N VAL B 78 -12.17 -7.43 18.16
CA VAL B 78 -11.23 -8.52 17.89
C VAL B 78 -9.84 -7.97 17.62
N ILE B 79 -9.77 -7.04 16.69
CA ILE B 79 -8.53 -6.40 16.28
C ILE B 79 -7.76 -5.85 17.49
N LEU B 80 -8.44 -5.07 18.33
CA LEU B 80 -7.80 -4.45 19.47
C LEU B 80 -7.22 -5.45 20.44
N LEU B 81 -7.93 -6.54 20.68
CA LEU B 81 -7.42 -7.59 21.58
C LEU B 81 -6.25 -8.37 20.97
N ARG B 82 -6.34 -8.62 19.68
CA ARG B 82 -5.25 -9.25 18.96
C ARG B 82 -3.97 -8.40 18.98
N ALA B 83 -4.13 -7.09 18.90
CA ALA B 83 -3.02 -6.18 18.92
C ALA B 83 -2.47 -5.96 20.31
N GLY B 84 -3.32 -6.09 21.33
CA GLY B 84 -2.98 -5.69 22.70
C GLY B 84 -2.66 -6.81 23.68
N TRP B 85 -3.03 -8.04 23.36
CA TRP B 85 -3.08 -9.04 24.39
C TRP B 85 -1.76 -9.22 25.09
N ASN B 86 -0.69 -9.13 24.32
CA ASN B 86 0.62 -9.42 24.83
C ASN B 86 1.10 -8.38 25.84
N GLU B 87 0.99 -7.10 25.49
CA GLU B 87 1.37 -6.04 26.43
C GLU B 87 0.41 -6.08 27.62
N LEU B 88 -0.84 -6.45 27.36
CA LEU B 88 -1.82 -6.49 28.42
C LEU B 88 -1.55 -7.59 29.44
N LEU B 89 -1.11 -8.75 28.99
CA LEU B 89 -0.80 -9.83 29.92
C LEU B 89 0.49 -9.55 30.70
N ILE B 90 1.46 -8.95 30.03
CA ILE B 90 2.74 -8.57 30.66
C ILE B 90 2.55 -7.53 31.74
N ALA B 91 1.72 -6.53 31.45
CA ALA B 91 1.44 -5.50 32.41
C ALA B 91 0.86 -6.12 33.66
N SER B 92 -0.12 -6.98 33.52
CA SER B 92 -0.78 -7.59 34.65
C SER B 92 0.02 -8.60 35.46
N PHE B 93 0.88 -9.39 34.84
CA PHE B 93 1.71 -10.31 35.58
C PHE B 93 2.89 -9.63 36.21
N SER B 94 3.15 -8.42 35.77
CA SER B 94 4.22 -7.64 36.30
C SER B 94 3.74 -7.06 37.57
N HIS B 95 2.60 -6.41 37.53
CA HIS B 95 2.04 -5.82 38.73
C HIS B 95 1.74 -6.89 39.79
N ARG B 96 1.24 -8.04 39.32
CA ARG B 96 0.98 -9.18 40.20
C ARG B 96 2.21 -9.67 40.95
N SER B 97 3.38 -9.43 40.37
CA SER B 97 4.63 -9.91 40.94
C SER B 97 5.32 -8.94 41.88
N ILE B 98 4.68 -7.81 42.18
CA ILE B 98 5.30 -6.76 43.00
C ILE B 98 5.93 -7.27 44.31
N ASP B 99 5.31 -8.25 44.97
CA ASP B 99 5.77 -8.70 46.29
C ASP B 99 6.62 -9.97 46.24
N VAL B 100 6.88 -10.46 45.03
CA VAL B 100 7.81 -11.56 44.78
C VAL B 100 9.25 -11.06 44.74
N ARG B 101 10.20 -11.91 45.15
CA ARG B 101 11.61 -11.54 45.10
C ARG B 101 12.37 -12.22 43.97
N ASP B 102 13.07 -11.44 43.15
CA ASP B 102 13.77 -11.93 41.96
C ASP B 102 12.96 -12.90 41.11
N GLY B 103 11.69 -12.59 40.88
CA GLY B 103 10.89 -13.39 39.95
C GLY B 103 9.52 -12.83 39.63
N ILE B 104 8.77 -13.57 38.82
CA ILE B 104 7.38 -13.24 38.58
C ILE B 104 6.41 -14.36 39.02
N LEU B 105 5.18 -13.95 39.28
CA LEU B 105 4.12 -14.85 39.71
C LEU B 105 3.11 -15.02 38.58
N LEU B 106 3.00 -16.24 38.07
CA LEU B 106 2.04 -16.55 37.03
C LEU B 106 0.61 -16.71 37.58
N ALA B 107 -0.37 -16.62 36.69
CA ALA B 107 -1.77 -16.79 37.04
C ALA B 107 -2.11 -18.25 37.41
N THR B 108 -1.32 -19.19 36.86
CA THR B 108 -1.39 -20.57 37.29
C THR B 108 -1.01 -20.72 38.75
N GLY B 109 -0.52 -19.65 39.40
CA GLY B 109 -0.02 -19.73 40.77
C GLY B 109 1.47 -20.08 40.88
N LEU B 110 2.05 -20.58 39.79
CA LEU B 110 3.46 -20.96 39.78
C LEU B 110 4.43 -19.75 39.65
N HIS B 111 5.55 -19.82 40.35
CA HIS B 111 6.59 -18.79 40.31
C HIS B 111 7.61 -19.08 39.21
N VAL B 112 8.27 -18.03 38.72
CA VAL B 112 9.44 -18.16 37.84
C VAL B 112 10.54 -17.21 38.34
N HIS B 113 11.74 -17.75 38.59
CA HIS B 113 12.81 -16.97 39.21
C HIS B 113 13.98 -16.84 38.26
N ARG B 114 14.80 -15.81 38.45
CA ARG B 114 15.86 -15.47 37.49
C ARG B 114 16.61 -16.68 37.02
N ASN B 115 17.02 -17.52 37.97
CA ASN B 115 17.88 -18.67 37.69
C ASN B 115 17.27 -19.58 36.64
N SER B 116 15.97 -19.82 36.77
CA SER B 116 15.24 -20.67 35.82
C SER B 116 15.23 -20.02 34.44
N ALA B 117 14.75 -18.78 34.42
CA ALA B 117 14.68 -17.97 33.23
C ALA B 117 15.96 -17.98 32.42
N HIS B 118 17.10 -17.91 33.10
CA HIS B 118 18.42 -17.95 32.45
C HIS B 118 18.79 -19.32 31.91
N SER B 119 18.63 -20.36 32.72
CA SER B 119 18.81 -21.74 32.23
C SER B 119 17.97 -22.01 30.98
N ALA B 120 16.79 -21.39 30.91
CA ALA B 120 15.89 -21.54 29.75
C ALA B 120 16.20 -20.61 28.56
N GLY B 121 17.25 -19.80 28.64
CA GLY B 121 17.60 -18.85 27.58
C GLY B 121 16.61 -17.71 27.42
N VAL B 122 16.02 -17.29 28.53
CA VAL B 122 15.03 -16.26 28.49
C VAL B 122 15.37 -15.19 29.54
N GLY B 123 16.64 -15.15 29.94
CA GLY B 123 17.05 -14.39 31.12
C GLY B 123 17.19 -12.89 30.88
N ALA B 124 17.51 -12.50 29.66
CA ALA B 124 17.77 -11.09 29.34
C ALA B 124 16.48 -10.28 29.46
N ILE B 125 15.45 -10.79 28.79
CA ILE B 125 14.10 -10.20 28.82
C ILE B 125 13.50 -10.32 30.17
N PHE B 126 13.82 -11.40 30.88
CA PHE B 126 13.35 -11.54 32.22
C PHE B 126 13.86 -10.40 33.10
N ASP B 127 15.13 -10.07 32.98
CA ASP B 127 15.70 -9.03 33.82
C ASP B 127 15.05 -7.70 33.48
N ARG B 128 14.82 -7.47 32.19
CA ARG B 128 14.26 -6.20 31.75
C ARG B 128 12.87 -5.98 32.31
N VAL B 129 12.09 -7.06 32.35
CA VAL B 129 10.78 -7.00 33.00
C VAL B 129 10.86 -6.59 34.46
N LEU B 130 11.77 -7.23 35.20
CA LEU B 130 11.95 -6.93 36.62
C LEU B 130 12.39 -5.48 36.83
N THR B 131 13.39 -5.06 36.07
CA THR B 131 13.91 -3.71 36.17
C THR B 131 12.89 -2.68 35.76
N GLU B 132 12.41 -2.78 34.53
CA GLU B 132 11.58 -1.71 33.93
C GLU B 132 10.12 -1.71 34.34
N LEU B 133 9.63 -2.81 34.89
CA LEU B 133 8.22 -2.88 35.25
C LEU B 133 8.00 -3.25 36.71
N VAL B 134 8.39 -4.45 37.09
CA VAL B 134 8.08 -4.90 38.43
C VAL B 134 8.67 -3.91 39.43
N SER B 135 9.97 -3.69 39.35
CA SER B 135 10.67 -2.75 40.25
C SER B 135 10.04 -1.37 40.24
N LYS B 136 9.78 -0.83 39.05
CA LYS B 136 9.22 0.51 38.92
C LYS B 136 7.83 0.58 39.53
N MET B 137 7.00 -0.40 39.23
CA MET B 137 5.68 -0.50 39.84
C MET B 137 5.71 -0.53 41.37
N ARG B 138 6.62 -1.34 41.90
CA ARG B 138 6.83 -1.45 43.35
C ARG B 138 7.21 -0.12 43.95
N ASP B 139 8.25 0.49 43.40
CA ASP B 139 8.80 1.70 43.97
C ASP B 139 7.82 2.87 43.92
N MET B 140 6.97 2.93 42.91
CA MET B 140 5.93 3.93 42.84
C MET B 140 4.70 3.59 43.65
N ARG B 141 4.60 2.36 44.14
CA ARG B 141 3.33 1.81 44.63
C ARG B 141 2.26 2.11 43.59
N MET B 142 2.43 1.55 42.40
CA MET B 142 1.46 1.78 41.35
C MET B 142 0.18 1.07 41.77
N ASP B 143 -0.88 1.83 41.98
CA ASP B 143 -2.08 1.19 42.46
C ASP B 143 -2.89 0.55 41.32
N LYS B 144 -3.92 -0.19 41.72
CA LYS B 144 -4.65 -1.06 40.83
C LYS B 144 -5.53 -0.29 39.84
N THR B 145 -5.89 0.94 40.21
CA THR B 145 -6.62 1.83 39.31
C THR B 145 -5.68 2.33 38.21
N GLU B 146 -4.49 2.74 38.61
CA GLU B 146 -3.49 3.28 37.70
C GLU B 146 -3.06 2.21 36.70
N LEU B 147 -2.87 1.00 37.18
CA LEU B 147 -2.65 -0.13 36.30
C LEU B 147 -3.82 -0.23 35.32
N GLY B 148 -5.03 -0.28 35.85
CA GLY B 148 -6.20 -0.42 35.01
C GLY B 148 -6.23 0.62 33.90
N CYS B 149 -5.88 1.85 34.23
CA CYS B 149 -5.92 2.90 33.23
C CYS B 149 -4.87 2.70 32.16
N LEU B 150 -3.67 2.32 32.58
CA LEU B 150 -2.60 2.02 31.65
C LEU B 150 -3.02 0.90 30.70
N ARG B 151 -3.62 -0.17 31.25
CA ARG B 151 -4.07 -1.27 30.39
C ARG B 151 -5.18 -0.84 29.45
N ALA B 152 -6.09 0.00 29.92
CA ALA B 152 -7.11 0.51 29.03
C ALA B 152 -6.53 1.39 27.93
N ILE B 153 -5.50 2.15 28.25
CA ILE B 153 -4.75 2.92 27.24
C ILE B 153 -4.12 2.00 26.19
N ILE B 154 -3.53 0.90 26.64
CA ILE B 154 -2.93 -0.08 25.75
C ILE B 154 -3.99 -0.71 24.88
N LEU B 155 -5.10 -1.06 25.48
CA LEU B 155 -6.20 -1.69 24.75
C LEU B 155 -6.69 -0.84 23.59
N PHE B 156 -7.00 0.41 23.90
CA PHE B 156 -7.65 1.31 22.95
C PHE B 156 -6.58 1.90 22.10
N ASN B 157 -6.08 1.12 21.16
CA ASN B 157 -4.95 1.51 20.30
C ASN B 157 -5.40 1.83 18.87
N PRO B 158 -5.51 3.12 18.55
CA PRO B 158 -5.96 3.55 17.23
C PRO B 158 -5.03 3.20 16.08
N ASP B 159 -3.80 2.81 16.39
CA ASP B 159 -2.84 2.39 15.38
C ASP B 159 -2.94 0.91 14.99
N ALA B 160 -3.81 0.14 15.63
CA ALA B 160 -4.04 -1.26 15.24
C ALA B 160 -4.58 -1.31 13.80
N LYS B 161 -4.05 -2.21 12.98
CA LYS B 161 -4.42 -2.26 11.58
C LYS B 161 -5.78 -2.90 11.39
N GLY B 162 -6.47 -2.50 10.33
CA GLY B 162 -7.78 -3.04 10.01
C GLY B 162 -8.97 -2.37 10.68
N LEU B 163 -8.72 -1.40 11.56
CA LEU B 163 -9.80 -0.79 12.34
C LEU B 163 -10.78 -0.02 11.48
N SER B 164 -12.08 -0.30 11.66
CA SER B 164 -13.13 0.39 10.89
C SER B 164 -13.13 1.88 11.17
N ASN B 165 -13.26 2.26 12.44
CA ASN B 165 -13.12 3.67 12.82
C ASN B 165 -11.98 3.89 13.85
N PRO B 166 -10.79 4.29 13.38
CA PRO B 166 -9.67 4.56 14.28
C PRO B 166 -9.86 5.78 15.16
N SER B 167 -10.52 6.82 14.64
CA SER B 167 -10.79 8.03 15.42
C SER B 167 -11.63 7.70 16.67
N GLU B 168 -12.63 6.87 16.45
CA GLU B 168 -13.47 6.40 17.54
C GLU B 168 -12.57 5.90 18.68
N VAL B 169 -11.58 5.09 18.34
CA VAL B 169 -10.70 4.47 19.33
C VAL B 169 -9.72 5.51 19.93
N GLU B 170 -9.21 6.41 19.10
CA GLU B 170 -8.36 7.46 19.61
C GLU B 170 -9.06 8.28 20.71
N VAL B 171 -10.34 8.51 20.51
CA VAL B 171 -11.12 9.34 21.43
C VAL B 171 -11.30 8.65 22.78
N LEU B 172 -11.52 7.35 22.73
CA LEU B 172 -11.61 6.55 23.94
C LEU B 172 -10.28 6.52 24.68
N ARG B 173 -9.19 6.37 23.93
CA ARG B 173 -7.86 6.37 24.52
C ARG B 173 -7.68 7.67 25.26
N GLU B 174 -8.07 8.75 24.61
CA GLU B 174 -7.88 10.10 25.18
C GLU B 174 -8.68 10.34 26.48
N LYS B 175 -9.88 9.81 26.54
CA LYS B 175 -10.65 9.90 27.76
C LYS B 175 -9.95 9.19 28.90
N VAL B 176 -9.28 8.08 28.61
CA VAL B 176 -8.49 7.44 29.65
C VAL B 176 -7.35 8.34 30.08
N TYR B 177 -6.70 9.03 29.14
CA TYR B 177 -5.64 10.01 29.52
C TYR B 177 -6.17 10.98 30.57
N ALA B 178 -7.38 11.47 30.31
CA ALA B 178 -7.99 12.51 31.11
C ALA B 178 -8.46 12.01 32.49
N SER B 179 -9.16 10.87 32.51
CA SER B 179 -9.57 10.26 33.77
C SER B 179 -8.39 9.99 34.62
N LEU B 180 -7.35 9.45 34.00
CA LEU B 180 -6.17 9.07 34.74
C LEU B 180 -5.48 10.25 35.36
N GLU B 181 -5.31 11.33 34.61
CA GLU B 181 -4.54 12.44 35.15
C GLU B 181 -5.30 13.00 36.35
N THR B 182 -6.59 13.16 36.18
CA THR B 182 -7.44 13.64 37.26
C THR B 182 -7.26 12.76 38.49
N TYR B 183 -7.46 11.46 38.35
CA TYR B 183 -7.24 10.54 39.46
C TYR B 183 -5.89 10.80 40.14
N CYS B 184 -4.84 11.00 39.35
CA CYS B 184 -3.49 11.16 39.92
C CYS B 184 -3.35 12.42 40.74
N LYS B 185 -3.96 13.51 40.26
CA LYS B 185 -3.92 14.79 40.96
C LYS B 185 -4.76 14.79 42.25
N GLN B 186 -5.89 14.08 42.19
CA GLN B 186 -6.68 13.80 43.38
C GLN B 186 -6.27 12.77 44.44
N LYS B 187 -5.77 11.61 44.03
CA LYS B 187 -5.19 10.68 44.98
C LYS B 187 -3.73 10.92 45.36
N TYR B 188 -2.96 11.61 44.54
CA TYR B 188 -1.52 11.80 44.85
C TYR B 188 -1.06 13.23 44.54
N PRO B 189 -1.64 14.25 45.23
CA PRO B 189 -1.45 15.67 44.88
C PRO B 189 -0.04 16.17 45.15
N GLU B 190 0.64 15.53 46.08
CA GLU B 190 1.99 15.91 46.44
C GLU B 190 3.02 15.41 45.41
N GLN B 191 2.60 14.46 44.57
CA GLN B 191 3.45 13.91 43.51
C GLN B 191 3.09 14.47 42.14
N GLN B 192 3.61 15.65 41.84
CA GLN B 192 3.33 16.37 40.60
C GLN B 192 3.74 15.67 39.32
N GLY B 193 4.74 14.78 39.39
CA GLY B 193 5.21 14.06 38.19
C GLY B 193 4.59 12.68 37.95
N ARG B 194 3.61 12.30 38.77
CA ARG B 194 3.06 10.95 38.82
C ARG B 194 2.42 10.53 37.50
N PHE B 195 1.57 11.37 36.95
CA PHE B 195 0.89 11.02 35.70
C PHE B 195 1.89 10.67 34.62
N ALA B 196 2.88 11.53 34.41
CA ALA B 196 3.89 11.24 33.42
C ALA B 196 4.68 9.98 33.78
N LYS B 197 4.95 9.75 35.07
CA LYS B 197 5.74 8.57 35.43
C LYS B 197 5.09 7.29 34.96
N LEU B 198 3.76 7.28 35.03
CA LEU B 198 2.96 6.16 34.57
C LEU B 198 3.04 5.97 33.07
N LEU B 199 2.79 7.04 32.33
CA LEU B 199 2.86 6.96 30.89
C LEU B 199 4.23 6.54 30.39
N LEU B 200 5.30 6.99 31.06
CA LEU B 200 6.65 6.65 30.58
C LEU B 200 7.04 5.21 30.86
N ARG B 201 6.13 4.43 31.43
CA ARG B 201 6.32 3.00 31.47
C ARG B 201 5.93 2.41 30.12
N LEU B 202 5.12 3.12 29.34
CA LEU B 202 4.57 2.49 28.13
C LEU B 202 5.56 2.26 27.01
N PRO B 203 6.53 3.14 26.81
CA PRO B 203 7.53 2.81 25.78
C PRO B 203 8.36 1.58 26.13
N ALA B 204 8.81 1.50 27.37
CA ALA B 204 9.60 0.37 27.83
C ALA B 204 8.77 -0.90 27.70
N LEU B 205 7.49 -0.80 28.03
CA LEU B 205 6.58 -1.94 27.85
C LEU B 205 6.50 -2.37 26.38
N ARG B 206 6.36 -1.42 25.47
CA ARG B 206 6.25 -1.74 24.05
C ARG B 206 7.47 -2.51 23.55
N SER B 207 8.67 -2.06 23.92
CA SER B 207 9.90 -2.70 23.46
C SER B 207 10.01 -4.07 24.08
N ILE B 208 9.74 -4.14 25.38
CA ILE B 208 9.74 -5.41 26.09
C ILE B 208 8.72 -6.36 25.48
N GLY B 209 7.55 -5.86 25.13
CA GLY B 209 6.52 -6.66 24.54
C GLY B 209 6.92 -7.24 23.19
N LEU B 210 7.51 -6.40 22.36
CA LEU B 210 8.03 -6.90 21.09
C LEU B 210 9.02 -8.03 21.35
N LYS B 211 9.92 -7.85 22.30
CA LYS B 211 10.86 -8.91 22.56
C LYS B 211 10.18 -10.20 23.10
N CYS B 212 9.16 -10.09 23.95
CA CYS B 212 8.42 -11.31 24.40
C CYS B 212 7.68 -11.99 23.25
N LEU B 213 7.09 -11.21 22.36
CA LEU B 213 6.37 -11.79 21.23
C LEU B 213 7.33 -12.72 20.46
N GLU B 214 8.51 -12.20 20.22
CA GLU B 214 9.61 -12.92 19.62
C GLU B 214 9.80 -14.31 20.26
N HIS B 215 10.06 -14.38 21.56
CA HIS B 215 10.16 -15.64 22.25
C HIS B 215 8.92 -16.55 22.09
N LEU B 216 7.72 -15.98 22.14
CA LEU B 216 6.50 -16.79 21.94
C LEU B 216 6.42 -17.36 20.55
N PHE B 217 6.86 -16.58 19.56
CA PHE B 217 6.97 -17.10 18.20
C PHE B 217 7.98 -18.25 18.10
N PHE B 218 9.06 -18.21 18.87
CA PHE B 218 10.04 -19.30 18.82
C PHE B 218 9.50 -20.56 19.46
N PHE B 219 8.88 -20.44 20.63
CA PHE B 219 8.20 -21.58 21.22
C PHE B 219 7.27 -22.25 20.18
N LYS B 220 6.56 -21.44 19.42
CA LYS B 220 5.67 -21.98 18.39
C LYS B 220 6.43 -22.81 17.34
N LEU B 221 7.62 -22.37 16.92
CA LEU B 221 8.41 -23.14 15.92
C LEU B 221 9.16 -24.36 16.46
N ILE B 222 8.78 -24.92 17.60
CA ILE B 222 9.60 -25.98 18.19
C ILE B 222 8.80 -27.16 18.84
N PRO B 226 5.07 -27.33 22.11
CA PRO B 226 4.34 -27.88 23.26
C PRO B 226 3.12 -27.03 23.65
N ILE B 227 2.44 -26.46 22.66
CA ILE B 227 1.66 -25.21 22.80
C ILE B 227 0.15 -25.42 22.82
N ASP B 228 -0.59 -24.47 23.41
CA ASP B 228 -2.06 -24.57 23.60
C ASP B 228 -2.92 -23.79 22.59
N THR B 229 -4.23 -23.77 22.81
CA THR B 229 -5.21 -23.60 21.71
C THR B 229 -5.60 -22.12 21.36
N PHE B 230 -5.89 -21.34 22.39
CA PHE B 230 -6.23 -19.92 22.27
C PHE B 230 -4.97 -19.13 21.97
N LEU B 231 -3.93 -19.38 22.75
CA LEU B 231 -2.61 -18.82 22.45
C LEU B 231 -2.20 -19.04 20.99
N MET B 232 -2.40 -20.27 20.50
CA MET B 232 -2.13 -20.63 19.11
C MET B 232 -2.89 -19.75 18.16
N GLU B 233 -4.15 -19.55 18.48
CA GLU B 233 -4.98 -18.74 17.63
C GLU B 233 -4.40 -17.35 17.56
N MET B 234 -3.99 -16.85 18.71
CA MET B 234 -3.46 -15.50 18.82
C MET B 234 -2.15 -15.30 18.04
N LEU B 235 -1.37 -16.35 17.86
CA LEU B 235 -0.10 -16.25 17.13
C LEU B 235 -0.19 -16.47 15.58
N GLU B 236 -1.37 -16.81 15.05
CA GLU B 236 -1.56 -17.02 13.61
C GLU B 236 -2.05 -15.74 12.92
N ALA B 237 -1.79 -15.63 11.61
CA ALA B 237 -2.21 -14.46 10.79
C ALA B 237 -3.25 -14.81 9.72
N HIS B 244 -9.91 -16.71 13.37
CA HIS B 244 -9.88 -16.30 14.79
C HIS B 244 -11.22 -16.60 15.54
N LYS B 245 -11.54 -17.88 15.64
CA LYS B 245 -12.90 -18.29 15.99
C LYS B 245 -13.14 -18.28 17.50
N ILE B 246 -12.16 -18.72 18.29
CA ILE B 246 -12.30 -18.70 19.74
C ILE B 246 -12.57 -17.28 20.24
N LEU B 247 -11.80 -16.32 19.76
CA LEU B 247 -11.98 -14.96 20.21
C LEU B 247 -13.39 -14.47 19.92
N HIS B 248 -13.88 -14.68 18.71
CA HIS B 248 -15.22 -14.23 18.32
C HIS B 248 -16.29 -14.81 19.20
N ARG B 249 -16.31 -16.12 19.32
CA ARG B 249 -17.21 -16.83 20.21
C ARG B 249 -17.27 -16.13 21.52
N LEU B 250 -16.11 -16.03 22.12
CA LEU B 250 -15.95 -15.54 23.49
C LEU B 250 -16.55 -14.20 23.78
N LEU B 251 -16.62 -13.37 22.77
CA LEU B 251 -17.29 -12.09 22.87
C LEU B 251 -18.69 -12.16 22.27
N GLN B 252 -19.61 -12.89 22.88
CA GLN B 252 -20.99 -12.88 22.33
C GLN B 252 -21.95 -13.46 23.36
N VAL C 25 -24.78 -25.54 -20.12
CA VAL C 25 -24.49 -26.91 -19.57
C VAL C 25 -23.36 -27.63 -20.34
N GLN C 26 -23.33 -27.57 -21.69
CA GLN C 26 -22.45 -28.48 -22.52
C GLN C 26 -21.62 -27.92 -23.72
N LEU C 27 -20.56 -28.67 -24.08
CA LEU C 27 -19.60 -28.25 -25.09
C LEU C 27 -19.80 -28.95 -26.45
N THR C 28 -20.43 -28.24 -27.38
CA THR C 28 -20.61 -28.71 -28.76
C THR C 28 -19.34 -29.34 -29.35
N ALA C 29 -19.55 -30.29 -30.26
CA ALA C 29 -18.45 -30.93 -30.97
C ALA C 29 -17.70 -29.90 -31.80
N ALA C 30 -18.41 -29.10 -32.58
CA ALA C 30 -17.79 -27.98 -33.30
C ALA C 30 -16.90 -27.08 -32.42
N GLN C 31 -17.36 -26.84 -31.18
CA GLN C 31 -16.59 -26.06 -30.22
C GLN C 31 -15.36 -26.82 -29.72
N GLU C 32 -15.52 -28.09 -29.35
CA GLU C 32 -14.38 -28.91 -28.93
C GLU C 32 -13.30 -28.82 -29.98
N LEU C 33 -13.70 -28.94 -31.24
CA LEU C 33 -12.72 -29.06 -32.32
C LEU C 33 -12.05 -27.76 -32.63
N MET C 34 -12.76 -26.66 -32.46
CA MET C 34 -12.14 -25.37 -32.68
C MET C 34 -11.07 -25.10 -31.64
N ILE C 35 -11.35 -25.49 -30.40
CA ILE C 35 -10.41 -25.28 -29.33
C ILE C 35 -9.18 -26.14 -29.61
N GLN C 36 -9.42 -27.39 -30.02
CA GLN C 36 -8.36 -28.31 -30.42
C GLN C 36 -7.51 -27.67 -31.51
N GLN C 37 -8.16 -27.09 -32.49
CA GLN C 37 -7.46 -26.41 -33.57
C GLN C 37 -6.54 -25.30 -33.06
N LEU C 38 -7.03 -24.56 -32.06
CA LEU C 38 -6.31 -23.42 -31.51
C LEU C 38 -5.10 -23.85 -30.69
N VAL C 39 -5.33 -24.84 -29.83
CA VAL C 39 -4.23 -25.45 -29.07
C VAL C 39 -3.15 -26.04 -29.98
N ALA C 40 -3.59 -26.79 -30.98
CA ALA C 40 -2.65 -27.28 -32.00
C ALA C 40 -1.86 -26.11 -32.61
N ALA C 41 -2.58 -25.09 -33.07
CA ALA C 41 -1.96 -23.96 -33.75
C ALA C 41 -0.83 -23.35 -32.93
N GLN C 42 -1.01 -23.28 -31.62
CA GLN C 42 0.01 -22.70 -30.75
C GLN C 42 1.30 -23.50 -30.68
N LEU C 43 1.16 -24.80 -30.37
CA LEU C 43 2.31 -25.67 -30.21
C LEU C 43 3.13 -25.78 -31.48
N GLN C 44 2.44 -25.92 -32.61
CA GLN C 44 3.11 -25.90 -33.90
C GLN C 44 3.97 -24.63 -34.05
N CYS C 45 3.46 -23.49 -33.61
CA CYS C 45 4.15 -22.20 -33.74
C CYS C 45 5.36 -22.07 -32.83
N ASN C 46 5.32 -22.69 -31.65
CA ASN C 46 6.47 -22.64 -30.74
C ASN C 46 7.61 -23.53 -31.21
N LYS C 47 7.29 -24.68 -31.82
CA LYS C 47 8.30 -25.53 -32.48
C LYS C 47 9.09 -24.80 -33.57
N ARG C 48 8.39 -24.00 -34.36
CA ARG C 48 9.01 -23.21 -35.44
C ARG C 48 9.91 -22.08 -34.92
N SER C 49 9.51 -21.47 -33.82
CA SER C 49 10.28 -20.42 -33.19
C SER C 49 11.58 -20.93 -32.52
N PHE C 50 11.55 -22.16 -31.98
CA PHE C 50 12.77 -22.80 -31.42
C PHE C 50 13.88 -23.02 -32.50
N SER C 51 13.49 -23.30 -33.74
CA SER C 51 14.44 -23.38 -34.89
C SER C 51 15.37 -22.16 -34.91
N ASP C 52 14.80 -20.99 -34.69
CA ASP C 52 15.53 -19.72 -34.78
C ASP C 52 16.48 -19.43 -33.58
N GLN C 53 16.69 -20.41 -32.69
CA GLN C 53 17.48 -20.15 -31.45
C GLN C 53 19.00 -19.84 -31.65
N PRO C 54 19.73 -20.65 -32.45
CA PRO C 54 21.12 -20.26 -32.78
C PRO C 54 21.24 -19.05 -33.73
N LYS C 55 20.14 -18.73 -34.44
CA LYS C 55 20.06 -17.53 -35.29
C LYS C 55 20.27 -16.20 -34.54
N VAL C 56 19.93 -16.18 -33.26
CA VAL C 56 19.85 -14.95 -32.50
C VAL C 56 21.22 -14.46 -31.96
N THR C 57 21.51 -13.17 -32.15
CA THR C 57 22.69 -12.53 -31.56
C THR C 57 22.89 -13.02 -30.14
N PRO C 58 24.06 -13.59 -29.83
CA PRO C 58 24.16 -14.12 -28.46
C PRO C 58 24.09 -13.01 -27.39
N TRP C 59 23.57 -13.39 -26.22
CA TRP C 59 23.53 -12.52 -25.07
C TRP C 59 24.95 -12.41 -24.49
N PRO C 60 25.56 -11.21 -24.48
CA PRO C 60 26.93 -11.07 -23.94
C PRO C 60 27.09 -11.56 -22.48
N LEU C 61 28.09 -12.41 -22.26
CA LEU C 61 28.14 -13.28 -21.06
C LEU C 61 28.97 -12.72 -19.91
N GLY C 68 29.45 -1.72 -22.49
CA GLY C 68 29.63 -0.77 -23.58
C GLY C 68 28.80 -1.15 -24.79
N SER C 69 29.44 -1.75 -25.78
CA SER C 69 28.71 -2.40 -26.88
C SER C 69 27.97 -3.66 -26.41
N ALA C 70 28.08 -4.00 -25.13
CA ALA C 70 27.32 -5.10 -24.53
C ALA C 70 25.88 -4.65 -24.27
N SER C 71 25.69 -3.37 -23.93
CA SER C 71 24.35 -2.80 -23.94
C SER C 71 23.68 -3.00 -25.29
N GLN C 72 24.35 -2.54 -26.33
CA GLN C 72 23.78 -2.56 -27.68
C GLN C 72 23.44 -3.98 -28.08
N GLN C 73 24.24 -4.93 -27.63
CA GLN C 73 24.00 -6.35 -27.92
C GLN C 73 22.80 -6.90 -27.15
N ARG C 74 22.73 -6.63 -25.87
CA ARG C 74 21.58 -7.07 -25.10
C ARG C 74 20.26 -6.57 -25.72
N PHE C 75 20.24 -5.30 -26.09
CA PHE C 75 19.09 -4.69 -26.72
C PHE C 75 18.78 -5.29 -28.07
N ALA C 76 19.80 -5.61 -28.85
CA ALA C 76 19.59 -6.27 -30.15
C ALA C 76 19.01 -7.68 -29.97
N HIS C 77 19.49 -8.36 -28.95
CA HIS C 77 19.05 -9.72 -28.62
C HIS C 77 17.56 -9.74 -28.30
N PHE C 78 17.16 -8.92 -27.33
CA PHE C 78 15.75 -8.80 -26.92
C PHE C 78 14.86 -8.47 -28.09
N THR C 79 15.33 -7.55 -28.88
CA THR C 79 14.61 -7.13 -30.05
C THR C 79 14.41 -8.27 -31.06
N GLU C 80 15.39 -9.14 -31.18
CA GLU C 80 15.29 -10.22 -32.13
C GLU C 80 14.32 -11.26 -31.62
N LEU C 81 14.22 -11.33 -30.30
CA LEU C 81 13.24 -12.20 -29.69
C LEU C 81 11.82 -11.71 -29.98
N ALA C 82 11.60 -10.43 -29.81
CA ALA C 82 10.31 -9.86 -30.10
C ALA C 82 9.91 -10.19 -31.53
N ILE C 83 10.82 -9.97 -32.46
CA ILE C 83 10.55 -10.25 -33.86
C ILE C 83 10.05 -11.66 -34.02
N ILE C 84 10.74 -12.60 -33.41
CA ILE C 84 10.31 -13.99 -33.52
C ILE C 84 8.89 -14.16 -32.97
N SER C 85 8.57 -13.46 -31.87
CA SER C 85 7.20 -13.47 -31.37
C SER C 85 6.20 -12.96 -32.41
N VAL C 86 6.51 -11.86 -33.06
CA VAL C 86 5.61 -11.32 -34.04
C VAL C 86 5.33 -12.35 -35.11
N GLN C 87 6.40 -12.98 -35.58
CA GLN C 87 6.27 -14.01 -36.58
C GLN C 87 5.37 -15.15 -36.09
N GLU C 88 5.61 -15.58 -34.86
CA GLU C 88 4.88 -16.68 -34.25
C GLU C 88 3.40 -16.30 -34.19
N ILE C 89 3.14 -15.06 -33.80
CA ILE C 89 1.79 -14.53 -33.67
C ILE C 89 1.03 -14.47 -35.00
N VAL C 90 1.68 -13.93 -36.04
CA VAL C 90 1.11 -13.94 -37.38
C VAL C 90 0.79 -15.37 -37.87
N ASP C 91 1.72 -16.30 -37.66
CA ASP C 91 1.50 -17.69 -38.05
C ASP C 91 0.31 -18.25 -37.29
N PHE C 92 0.19 -17.85 -36.04
CA PHE C 92 -0.95 -18.27 -35.25
C PHE C 92 -2.26 -17.71 -35.78
N ALA C 93 -2.31 -16.42 -36.10
CA ALA C 93 -3.56 -15.77 -36.49
C ALA C 93 -4.10 -16.41 -37.71
N LYS C 94 -3.20 -16.63 -38.67
CA LYS C 94 -3.52 -17.31 -39.94
C LYS C 94 -4.22 -18.65 -39.74
N GLN C 95 -3.94 -19.33 -38.63
CA GLN C 95 -4.59 -20.60 -38.33
C GLN C 95 -5.90 -20.47 -37.55
N VAL C 96 -6.27 -19.24 -37.20
CA VAL C 96 -7.49 -19.04 -36.44
C VAL C 96 -8.66 -19.02 -37.41
N PRO C 97 -9.61 -19.94 -37.25
CA PRO C 97 -10.72 -19.91 -38.18
C PRO C 97 -11.37 -18.52 -38.29
N GLY C 98 -11.41 -17.98 -39.51
CA GLY C 98 -12.11 -16.72 -39.79
C GLY C 98 -11.13 -15.61 -40.09
N PHE C 99 -9.97 -15.67 -39.46
CA PHE C 99 -9.05 -14.59 -39.58
C PHE C 99 -8.71 -14.35 -41.03
N LEU C 100 -8.44 -15.41 -41.78
CA LEU C 100 -8.02 -15.23 -43.17
C LEU C 100 -9.19 -14.83 -44.07
N GLN C 101 -10.39 -15.19 -43.67
CA GLN C 101 -11.57 -14.73 -44.37
C GLN C 101 -11.83 -13.24 -44.15
N LEU C 102 -10.90 -12.49 -43.56
CA LEU C 102 -11.03 -11.04 -43.46
C LEU C 102 -10.16 -10.34 -44.50
N GLY C 103 -10.50 -9.09 -44.81
CA GLY C 103 -9.74 -8.27 -45.70
C GLY C 103 -8.37 -7.98 -45.13
N ARG C 104 -7.39 -7.89 -46.02
CA ARG C 104 -5.99 -7.84 -45.62
C ARG C 104 -5.64 -6.59 -44.81
N GLU C 105 -6.30 -5.48 -45.06
CA GLU C 105 -6.00 -4.29 -44.27
C GLU C 105 -6.51 -4.47 -42.84
N ASP C 106 -7.64 -5.15 -42.68
CA ASP C 106 -8.19 -5.44 -41.35
C ASP C 106 -7.31 -6.42 -40.59
N GLN C 107 -6.84 -7.45 -41.29
CA GLN C 107 -5.88 -8.41 -40.71
C GLN C 107 -4.72 -7.68 -40.04
N ILE C 108 -4.21 -6.66 -40.72
CA ILE C 108 -3.08 -5.87 -40.28
C ILE C 108 -3.43 -4.97 -39.10
N ALA C 109 -4.58 -4.31 -39.20
CA ALA C 109 -5.04 -3.41 -38.17
C ALA C 109 -5.18 -4.20 -36.89
N LEU C 110 -5.77 -5.39 -37.01
CA LEU C 110 -5.95 -6.27 -35.85
C LEU C 110 -4.62 -6.78 -35.22
N LEU C 111 -3.65 -7.14 -36.06
CA LEU C 111 -2.38 -7.59 -35.57
C LEU C 111 -1.49 -6.47 -35.05
N LYS C 112 -1.49 -5.31 -35.69
CA LYS C 112 -0.80 -4.14 -35.09
C LYS C 112 -1.21 -3.92 -33.63
N ALA C 113 -2.52 -3.82 -33.39
CA ALA C 113 -3.01 -3.44 -32.09
C ALA C 113 -2.76 -4.53 -31.08
N SER C 114 -2.86 -5.78 -31.50
CA SER C 114 -2.94 -6.86 -30.56
C SER C 114 -1.61 -7.55 -30.34
N THR C 115 -0.60 -7.21 -31.12
CA THR C 115 0.68 -7.88 -30.98
C THR C 115 1.26 -7.69 -29.59
N ILE C 116 1.42 -6.45 -29.18
CA ILE C 116 1.99 -6.24 -27.86
C ILE C 116 1.19 -6.99 -26.77
N GLU C 117 -0.12 -7.10 -26.95
CA GLU C 117 -0.97 -7.70 -25.92
C GLU C 117 -0.73 -9.19 -25.86
N ILE C 118 -0.62 -9.81 -27.01
CA ILE C 118 -0.38 -11.21 -27.09
C ILE C 118 1.03 -11.51 -26.63
N MET C 119 1.97 -10.71 -27.09
CA MET C 119 3.34 -10.76 -26.57
C MET C 119 3.35 -10.82 -25.06
N LEU C 120 2.52 -10.00 -24.44
CA LEU C 120 2.46 -9.95 -23.00
C LEU C 120 1.78 -11.16 -22.39
N LEU C 121 0.76 -11.69 -23.06
CA LEU C 121 0.16 -12.95 -22.61
C LEU C 121 1.18 -14.07 -22.69
N GLU C 122 1.92 -14.14 -23.79
CA GLU C 122 2.89 -15.20 -23.96
C GLU C 122 3.96 -15.06 -22.90
N THR C 123 4.46 -13.85 -22.72
CA THR C 123 5.44 -13.59 -21.69
C THR C 123 5.03 -14.14 -20.31
N ALA C 124 3.80 -13.89 -19.91
CA ALA C 124 3.28 -14.37 -18.66
C ALA C 124 3.22 -15.89 -18.59
N ARG C 125 2.78 -16.49 -19.68
CA ARG C 125 2.76 -17.94 -19.84
C ARG C 125 4.14 -18.57 -19.62
N ARG C 126 5.20 -17.83 -19.96
CA ARG C 126 6.57 -18.28 -19.83
C ARG C 126 7.24 -17.74 -18.56
N TYR C 127 6.44 -17.37 -17.58
CA TYR C 127 6.95 -16.86 -16.34
C TYR C 127 6.98 -17.97 -15.34
N ASN C 128 8.01 -17.93 -14.50
CA ASN C 128 8.26 -18.94 -13.50
C ASN C 128 8.30 -18.28 -12.14
N HIS C 129 7.31 -18.55 -11.29
CA HIS C 129 7.17 -17.86 -10.02
C HIS C 129 8.32 -18.20 -9.09
N GLU C 130 8.88 -19.40 -9.25
CA GLU C 130 9.94 -19.86 -8.38
C GLU C 130 11.30 -19.18 -8.69
N THR C 131 11.72 -19.11 -9.95
CA THR C 131 12.90 -18.31 -10.30
C THR C 131 12.62 -16.82 -10.50
N GLU C 132 11.36 -16.42 -10.44
CA GLU C 132 10.98 -15.03 -10.76
C GLU C 132 11.60 -14.62 -12.11
N CYS C 133 11.63 -15.58 -13.04
CA CYS C 133 12.26 -15.38 -14.33
C CYS C 133 11.34 -15.70 -15.49
N ILE C 134 11.68 -15.17 -16.65
CA ILE C 134 10.93 -15.44 -17.85
C ILE C 134 11.78 -16.17 -18.88
N THR C 135 11.23 -17.24 -19.40
CA THR C 135 11.98 -18.05 -20.31
C THR C 135 11.51 -17.84 -21.76
N PHE C 136 12.38 -17.31 -22.61
CA PHE C 136 12.07 -17.13 -24.01
C PHE C 136 12.69 -18.22 -24.84
N LEU C 137 11.98 -18.60 -25.90
CA LEU C 137 12.37 -19.75 -26.73
C LEU C 137 12.46 -20.96 -25.83
N LYS C 138 13.54 -21.74 -25.89
CA LYS C 138 13.63 -22.98 -25.15
C LYS C 138 14.20 -22.72 -23.76
N ASP C 139 15.36 -22.08 -23.71
CA ASP C 139 16.13 -22.00 -22.46
C ASP C 139 16.94 -20.69 -22.33
N PHE C 140 16.36 -19.58 -22.79
CA PHE C 140 16.90 -18.25 -22.53
C PHE C 140 16.13 -17.62 -21.40
N THR C 141 16.76 -17.57 -20.25
CA THR C 141 16.07 -17.18 -19.06
C THR C 141 16.50 -15.79 -18.62
N TYR C 142 15.52 -14.94 -18.35
CA TYR C 142 15.77 -13.55 -17.98
C TYR C 142 15.01 -13.09 -16.75
N SER C 143 15.75 -12.47 -15.85
CA SER C 143 15.20 -11.85 -14.66
C SER C 143 14.75 -10.42 -14.95
N LYS C 144 14.02 -9.81 -14.01
CA LYS C 144 13.74 -8.36 -14.04
C LYS C 144 14.95 -7.54 -14.45
N ASP C 145 16.07 -7.81 -13.81
CA ASP C 145 17.25 -7.00 -14.03
C ASP C 145 17.85 -7.24 -15.40
N ASP C 146 17.74 -8.46 -15.92
CA ASP C 146 18.16 -8.72 -17.30
C ASP C 146 17.37 -7.82 -18.26
N PHE C 147 16.10 -7.62 -17.92
CA PHE C 147 15.23 -6.75 -18.73
C PHE C 147 15.74 -5.32 -18.71
N HIS C 148 16.16 -4.86 -17.55
CA HIS C 148 16.71 -3.55 -17.47
C HIS C 148 18.04 -3.47 -18.21
N ARG C 149 18.89 -4.48 -18.08
CA ARG C 149 20.18 -4.48 -18.81
C ARG C 149 20.00 -4.51 -20.32
N ALA C 150 18.86 -5.05 -20.78
CA ALA C 150 18.55 -5.07 -22.20
C ALA C 150 17.91 -3.77 -22.72
N GLY C 151 17.77 -2.76 -21.86
CA GLY C 151 17.37 -1.42 -22.28
C GLY C 151 15.94 -0.96 -21.96
N LEU C 152 15.12 -1.83 -21.40
CA LEU C 152 13.75 -1.48 -21.04
C LEU C 152 13.74 -0.80 -19.68
N GLN C 153 12.74 0.02 -19.43
CA GLN C 153 12.68 0.83 -18.22
C GLN C 153 11.74 0.24 -17.19
N VAL C 154 11.96 0.56 -15.92
CA VAL C 154 11.18 -0.02 -14.80
C VAL C 154 9.71 0.27 -14.90
N GLU C 155 9.37 1.42 -15.46
CA GLU C 155 7.99 1.84 -15.60
C GLU C 155 7.25 0.84 -16.50
N PHE C 156 8.01 0.14 -17.34
CA PHE C 156 7.50 -0.95 -18.18
C PHE C 156 7.74 -2.33 -17.57
N ILE C 157 8.90 -2.53 -17.01
CA ILE C 157 9.28 -3.85 -16.56
C ILE C 157 8.40 -4.31 -15.43
N ASN C 158 8.19 -3.45 -14.46
CA ASN C 158 7.38 -3.82 -13.31
C ASN C 158 5.96 -4.27 -13.68
N PRO C 159 5.22 -3.42 -14.42
CA PRO C 159 3.92 -3.88 -14.90
C PRO C 159 3.98 -5.25 -15.60
N ILE C 160 5.00 -5.50 -16.41
CA ILE C 160 5.11 -6.79 -17.09
C ILE C 160 5.14 -7.95 -16.09
N PHE C 161 5.92 -7.79 -15.02
CA PHE C 161 6.04 -8.85 -14.04
C PHE C 161 4.85 -8.88 -13.07
N GLU C 162 4.24 -7.75 -12.77
CA GLU C 162 3.00 -7.80 -11.98
C GLU C 162 1.95 -8.56 -12.79
N PHE C 163 1.91 -8.30 -14.09
CA PHE C 163 0.92 -8.94 -14.93
C PHE C 163 1.14 -10.45 -14.97
N SER C 164 2.39 -10.86 -15.13
CA SER C 164 2.73 -12.26 -15.12
C SER C 164 2.27 -12.93 -13.86
N ARG C 165 2.47 -12.28 -12.73
CA ARG C 165 2.07 -12.84 -11.45
C ARG C 165 0.55 -12.97 -11.41
N ALA C 166 -0.16 -11.95 -11.85
CA ALA C 166 -1.60 -12.04 -11.81
C ALA C 166 -2.04 -13.21 -12.66
N MET C 167 -1.44 -13.35 -13.82
CA MET C 167 -1.80 -14.42 -14.74
C MET C 167 -1.53 -15.80 -14.15
N ARG C 168 -0.36 -15.98 -13.55
CA ARG C 168 -0.07 -17.20 -12.83
C ARG C 168 -1.19 -17.50 -11.82
N ARG C 169 -1.54 -16.55 -10.97
CA ARG C 169 -2.62 -16.76 -9.98
C ARG C 169 -3.86 -17.41 -10.57
N LEU C 170 -4.15 -17.13 -11.83
CA LEU C 170 -5.35 -17.66 -12.49
C LEU C 170 -5.28 -19.11 -12.92
N GLY C 171 -4.08 -19.61 -13.14
CA GLY C 171 -3.88 -21.01 -13.53
C GLY C 171 -4.51 -21.45 -14.85
N LEU C 172 -4.37 -20.67 -15.92
CA LEU C 172 -5.00 -21.02 -17.20
C LEU C 172 -4.35 -22.21 -17.82
N ASP C 173 -5.14 -23.04 -18.50
CA ASP C 173 -4.57 -24.16 -19.25
C ASP C 173 -4.40 -23.74 -20.70
N ASP C 174 -3.82 -24.62 -21.50
CA ASP C 174 -3.45 -24.25 -22.86
C ASP C 174 -4.62 -23.84 -23.73
N ALA C 175 -5.80 -24.39 -23.44
CA ALA C 175 -7.00 -24.05 -24.20
C ALA C 175 -7.54 -22.70 -23.80
N GLU C 176 -7.54 -22.40 -22.52
CA GLU C 176 -8.01 -21.10 -22.07
C GLU C 176 -7.12 -20.00 -22.65
N TYR C 177 -5.80 -20.20 -22.66
CA TYR C 177 -4.89 -19.22 -23.25
C TYR C 177 -5.19 -19.02 -24.73
N ALA C 178 -5.31 -20.11 -25.46
CA ALA C 178 -5.45 -20.03 -26.89
C ALA C 178 -6.72 -19.24 -27.21
N LEU C 179 -7.77 -19.49 -26.44
CA LEU C 179 -9.04 -18.84 -26.68
C LEU C 179 -8.92 -17.38 -26.39
N LEU C 180 -8.40 -17.07 -25.22
CA LEU C 180 -8.26 -15.71 -24.83
C LEU C 180 -7.44 -14.92 -25.86
N ILE C 181 -6.53 -15.58 -26.56
CA ILE C 181 -5.70 -14.91 -27.52
C ILE C 181 -6.49 -14.62 -28.76
N ALA C 182 -7.29 -15.58 -29.20
CA ALA C 182 -8.17 -15.38 -30.35
C ALA C 182 -9.19 -14.28 -30.09
N ILE C 183 -9.80 -14.30 -28.91
CA ILE C 183 -10.73 -13.25 -28.50
C ILE C 183 -10.07 -11.89 -28.60
N ASN C 184 -8.86 -11.80 -28.09
CA ASN C 184 -8.09 -10.57 -28.14
C ASN C 184 -7.92 -10.04 -29.58
N ILE C 185 -7.61 -10.93 -30.51
CA ILE C 185 -7.36 -10.55 -31.91
C ILE C 185 -8.58 -9.96 -32.58
N PHE C 186 -9.75 -10.51 -32.27
CA PHE C 186 -11.00 -10.05 -32.85
C PHE C 186 -11.67 -8.98 -31.98
N SER C 187 -10.91 -7.92 -31.72
CA SER C 187 -11.38 -6.77 -30.99
C SER C 187 -11.75 -5.72 -32.03
N ALA C 188 -13.04 -5.38 -32.11
CA ALA C 188 -13.51 -4.52 -33.21
C ALA C 188 -13.19 -3.04 -33.04
N ASP C 189 -12.72 -2.69 -31.85
CA ASP C 189 -12.44 -1.31 -31.54
C ASP C 189 -10.99 -0.94 -31.84
N ARG C 190 -10.26 -1.75 -32.57
CA ARG C 190 -8.90 -1.31 -32.91
C ARG C 190 -8.97 -0.16 -33.92
N PRO C 191 -7.91 0.64 -33.97
CA PRO C 191 -7.79 1.67 -35.00
C PRO C 191 -7.81 1.08 -36.38
N ASN C 192 -8.50 1.75 -37.31
CA ASN C 192 -8.50 1.43 -38.75
C ASN C 192 -9.15 0.14 -39.15
N VAL C 193 -9.97 -0.37 -38.25
CA VAL C 193 -10.74 -1.55 -38.56
C VAL C 193 -11.87 -1.06 -39.43
N GLN C 194 -11.95 -1.64 -40.62
CA GLN C 194 -12.91 -1.19 -41.59
C GLN C 194 -14.20 -1.99 -41.53
N GLU C 195 -14.14 -3.24 -41.09
CA GLU C 195 -15.36 -4.05 -41.01
C GLU C 195 -15.61 -4.56 -39.59
N PRO C 196 -15.88 -3.63 -38.67
CA PRO C 196 -16.00 -3.99 -37.27
C PRO C 196 -17.13 -4.94 -36.96
N GLY C 197 -18.25 -4.83 -37.66
CA GLY C 197 -19.37 -5.75 -37.44
C GLY C 197 -18.92 -7.20 -37.62
N ARG C 198 -18.15 -7.45 -38.68
CA ARG C 198 -17.61 -8.77 -38.97
C ARG C 198 -16.66 -9.28 -37.88
N VAL C 199 -15.83 -8.39 -37.37
CA VAL C 199 -14.91 -8.73 -36.29
C VAL C 199 -15.66 -9.12 -35.01
N GLU C 200 -16.69 -8.37 -34.60
CA GLU C 200 -17.46 -8.76 -33.41
C GLU C 200 -18.10 -10.08 -33.65
N ALA C 201 -18.60 -10.25 -34.87
CA ALA C 201 -19.29 -11.46 -35.23
C ALA C 201 -18.31 -12.62 -35.10
N LEU C 202 -17.09 -12.46 -35.61
CA LEU C 202 -16.06 -13.49 -35.46
C LEU C 202 -15.74 -13.73 -34.01
N GLN C 203 -15.60 -12.65 -33.25
CA GLN C 203 -15.19 -12.79 -31.87
C GLN C 203 -16.15 -13.62 -31.04
N GLN C 204 -17.42 -13.54 -31.37
CA GLN C 204 -18.44 -13.93 -30.43
C GLN C 204 -18.44 -15.43 -30.15
N PRO C 205 -18.22 -16.27 -31.17
CA PRO C 205 -18.19 -17.71 -30.87
C PRO C 205 -17.04 -18.08 -30.00
N TYR C 206 -15.91 -17.41 -30.18
CA TYR C 206 -14.75 -17.64 -29.30
C TYR C 206 -15.05 -17.29 -27.83
N VAL C 207 -15.74 -16.17 -27.63
CA VAL C 207 -16.23 -15.85 -26.28
C VAL C 207 -17.19 -16.92 -25.73
N GLU C 208 -18.11 -17.38 -26.59
CA GLU C 208 -19.10 -18.40 -26.23
C GLU C 208 -18.42 -19.71 -25.87
N ALA C 209 -17.43 -20.11 -26.66
CA ALA C 209 -16.66 -21.30 -26.38
C ALA C 209 -15.90 -21.22 -25.05
N LEU C 210 -15.28 -20.08 -24.77
CA LEU C 210 -14.56 -19.89 -23.54
C LEU C 210 -15.50 -19.97 -22.36
N LEU C 211 -16.70 -19.44 -22.52
CA LEU C 211 -17.66 -19.52 -21.43
C LEU C 211 -17.89 -21.00 -21.11
N SER C 212 -18.26 -21.77 -22.13
CA SER C 212 -18.57 -23.19 -21.95
C SER C 212 -17.37 -23.96 -21.40
N TYR C 213 -16.23 -23.84 -22.05
CA TYR C 213 -15.09 -24.60 -21.61
C TYR C 213 -14.83 -24.36 -20.13
N THR C 214 -14.74 -23.10 -19.77
CA THR C 214 -14.43 -22.63 -18.44
C THR C 214 -15.40 -23.15 -17.40
N ARG C 215 -16.66 -23.21 -17.78
CA ARG C 215 -17.75 -23.62 -16.92
C ARG C 215 -17.82 -25.16 -16.72
N ILE C 216 -17.34 -25.89 -17.71
CA ILE C 216 -17.19 -27.33 -17.62
C ILE C 216 -15.92 -27.68 -16.84
N LYS C 217 -14.80 -27.05 -17.19
CA LYS C 217 -13.52 -27.33 -16.53
C LYS C 217 -13.59 -27.17 -15.03
N ARG C 218 -14.18 -26.07 -14.58
CA ARG C 218 -14.17 -25.69 -13.18
C ARG C 218 -15.54 -25.16 -12.81
N PRO C 219 -16.52 -26.04 -12.60
CA PRO C 219 -17.88 -25.54 -12.37
C PRO C 219 -18.03 -24.82 -11.05
N GLN C 220 -17.25 -25.23 -10.06
CA GLN C 220 -17.33 -24.61 -8.71
C GLN C 220 -16.81 -23.15 -8.72
N ASP C 221 -15.88 -22.87 -9.63
CA ASP C 221 -15.32 -21.52 -9.80
C ASP C 221 -15.99 -20.73 -10.96
N GLN C 222 -17.15 -20.16 -10.68
CA GLN C 222 -17.91 -19.42 -11.70
C GLN C 222 -17.26 -18.09 -12.08
N LEU C 223 -16.34 -17.62 -11.24
CA LEU C 223 -15.69 -16.35 -11.46
C LEU C 223 -14.51 -16.41 -12.47
N ARG C 224 -14.11 -17.61 -12.87
CA ARG C 224 -12.96 -17.77 -13.78
C ARG C 224 -13.16 -16.99 -15.08
N PHE C 225 -14.36 -17.07 -15.67
CA PHE C 225 -14.67 -16.42 -16.95
C PHE C 225 -14.54 -14.92 -16.91
N PRO C 226 -15.24 -14.25 -16.00
CA PRO C 226 -15.06 -12.79 -15.97
C PRO C 226 -13.64 -12.37 -15.58
N ARG C 227 -13.02 -13.08 -14.64
CA ARG C 227 -11.62 -12.81 -14.31
C ARG C 227 -10.77 -12.76 -15.57
N MET C 228 -11.02 -13.70 -16.46
CA MET C 228 -10.29 -13.78 -17.70
C MET C 228 -10.62 -12.60 -18.60
N LEU C 229 -11.88 -12.27 -18.75
CA LEU C 229 -12.24 -11.22 -19.65
C LEU C 229 -11.67 -9.91 -19.17
N MET C 230 -11.57 -9.74 -17.86
CA MET C 230 -11.03 -8.51 -17.34
C MET C 230 -9.58 -8.30 -17.71
N LYS C 231 -8.86 -9.37 -17.98
CA LYS C 231 -7.47 -9.25 -18.38
C LYS C 231 -7.37 -8.54 -19.71
N LEU C 232 -8.42 -8.62 -20.53
CA LEU C 232 -8.42 -7.85 -21.75
C LEU C 232 -8.35 -6.35 -21.44
N VAL C 233 -9.00 -5.94 -20.36
CA VAL C 233 -8.96 -4.57 -19.92
C VAL C 233 -7.54 -4.24 -19.50
N SER C 234 -6.96 -5.05 -18.59
CA SER C 234 -5.56 -4.88 -18.19
C SER C 234 -4.63 -4.70 -19.36
N LEU C 235 -4.79 -5.51 -20.39
CA LEU C 235 -3.91 -5.44 -21.53
C LEU C 235 -4.01 -4.09 -22.28
N ARG C 236 -5.16 -3.42 -22.22
CA ARG C 236 -5.26 -2.12 -22.84
C ARG C 236 -4.33 -1.16 -22.11
N THR C 237 -4.35 -1.20 -20.78
CA THR C 237 -3.44 -0.35 -20.00
C THR C 237 -1.96 -0.66 -20.34
N LEU C 238 -1.59 -1.91 -20.38
CA LEU C 238 -0.25 -2.28 -20.69
C LEU C 238 0.14 -1.87 -22.05
N SER C 239 -0.82 -1.80 -22.93
CA SER C 239 -0.57 -1.36 -24.28
C SER C 239 -0.16 0.08 -24.26
N SER C 240 -0.61 0.79 -23.26
CA SER C 240 -0.43 2.19 -23.20
C SER C 240 0.89 2.40 -22.53
N VAL C 241 1.16 1.60 -21.52
CA VAL C 241 2.48 1.63 -20.86
C VAL C 241 3.59 1.27 -21.85
N HIS C 242 3.27 0.40 -22.80
CA HIS C 242 4.24 0.01 -23.79
C HIS C 242 4.52 1.13 -24.77
N SER C 243 3.53 1.98 -25.06
CA SER C 243 3.81 3.19 -25.85
C SER C 243 4.72 4.15 -25.10
N GLU C 244 4.49 4.33 -23.82
CA GLU C 244 5.42 5.09 -23.05
C GLU C 244 6.85 4.52 -23.18
N GLN C 245 7.00 3.19 -23.21
CA GLN C 245 8.33 2.60 -23.39
C GLN C 245 8.93 3.02 -24.73
N VAL C 246 8.15 3.03 -25.80
CA VAL C 246 8.64 3.47 -27.10
C VAL C 246 9.03 4.95 -27.10
N PHE C 247 8.29 5.79 -26.39
CA PHE C 247 8.68 7.19 -26.16
C PHE C 247 10.14 7.16 -25.71
N ALA C 248 10.39 6.55 -24.56
CA ALA C 248 11.71 6.57 -23.91
C ALA C 248 12.87 6.00 -24.75
N LEU C 249 12.55 5.14 -25.72
CA LEU C 249 13.58 4.57 -26.59
C LEU C 249 14.15 5.60 -27.55
N ARG C 250 13.31 6.51 -28.01
CA ARG C 250 13.74 7.57 -28.92
C ARG C 250 14.41 8.71 -28.15
N LEU C 251 13.96 8.93 -26.93
CA LEU C 251 14.69 9.77 -25.96
C LEU C 251 16.11 9.25 -25.61
N GLN C 252 16.33 7.94 -25.73
CA GLN C 252 17.65 7.35 -25.48
C GLN C 252 18.35 6.90 -26.75
N ASP C 253 17.81 7.28 -27.90
CA ASP C 253 18.42 6.97 -29.20
C ASP C 253 18.54 5.50 -29.47
N LYS C 254 17.72 4.67 -28.83
CA LYS C 254 17.67 3.25 -29.15
C LYS C 254 16.77 3.09 -30.37
N LYS C 255 17.21 2.36 -31.38
CA LYS C 255 16.46 2.21 -32.64
C LYS C 255 15.96 0.80 -32.80
N LEU C 256 14.65 0.63 -33.04
CA LEU C 256 14.06 -0.68 -33.19
C LEU C 256 14.19 -1.10 -34.62
N PRO C 257 14.24 -2.41 -34.88
CA PRO C 257 14.29 -2.90 -36.26
C PRO C 257 13.08 -2.49 -37.08
N PRO C 258 13.11 -2.80 -38.38
CA PRO C 258 12.03 -2.32 -39.25
C PRO C 258 10.69 -2.88 -38.82
N LEU C 259 10.62 -4.20 -38.63
CA LEU C 259 9.33 -4.85 -38.35
C LEU C 259 8.68 -4.31 -37.10
N LEU C 260 9.46 -4.15 -36.04
CA LEU C 260 8.94 -3.57 -34.83
C LEU C 260 8.58 -2.09 -34.98
N SER C 261 9.34 -1.35 -35.77
CA SER C 261 9.03 0.06 -35.96
C SER C 261 7.74 0.18 -36.76
N GLU C 262 7.62 -0.68 -37.78
CA GLU C 262 6.43 -0.73 -38.60
C GLU C 262 5.22 -0.88 -37.70
N ILE C 263 5.28 -1.89 -36.85
CA ILE C 263 4.16 -2.33 -36.05
C ILE C 263 3.87 -1.38 -34.88
N TRP C 264 4.88 -0.67 -34.40
CA TRP C 264 4.70 0.28 -33.30
C TRP C 264 5.01 1.74 -33.69
N ASP C 265 4.79 2.08 -34.97
CA ASP C 265 4.95 3.47 -35.51
C ASP C 265 6.27 4.11 -35.10
N HIS C 275 3.13 -0.95 -43.10
CA HIS C 275 2.83 -2.28 -42.60
C HIS C 275 3.17 -3.23 -43.71
N LYS C 276 4.33 -2.99 -44.28
CA LYS C 276 4.66 -3.52 -45.55
C LYS C 276 5.47 -4.79 -45.37
N ILE C 277 6.21 -4.91 -44.28
CA ILE C 277 6.93 -6.19 -43.97
C ILE C 277 5.95 -7.24 -43.43
N LEU C 278 5.07 -6.72 -42.58
CA LEU C 278 3.93 -7.44 -42.03
C LEU C 278 3.01 -8.00 -43.10
N HIS C 279 2.78 -7.18 -44.12
CA HIS C 279 2.02 -7.61 -45.28
C HIS C 279 2.65 -8.89 -45.86
N ARG C 280 3.96 -8.87 -46.04
CA ARG C 280 4.68 -10.03 -46.61
C ARG C 280 4.53 -11.29 -45.77
N LEU C 281 4.61 -11.13 -44.46
CA LEU C 281 4.44 -12.27 -43.52
C LEU C 281 3.07 -12.91 -43.63
N LEU C 282 2.06 -12.09 -43.88
CA LEU C 282 0.71 -12.60 -44.11
C LEU C 282 0.63 -13.32 -45.44
N GLN C 283 1.21 -12.69 -46.46
CA GLN C 283 1.17 -13.23 -47.82
C GLN C 283 1.85 -14.60 -47.99
N ASP C 284 2.94 -14.85 -47.27
CA ASP C 284 3.48 -16.21 -47.19
C ASP C 284 2.41 -17.14 -46.60
N GLU D 6 -27.79 -11.33 -2.23
CA GLU D 6 -26.32 -11.09 -2.38
C GLU D 6 -25.84 -9.97 -1.42
N GLU D 7 -24.54 -9.94 -1.17
CA GLU D 7 -23.87 -8.84 -0.43
C GLU D 7 -23.57 -7.66 -1.35
N MET D 8 -23.81 -7.85 -2.64
CA MET D 8 -23.74 -6.79 -3.60
C MET D 8 -25.07 -6.80 -4.34
N PRO D 9 -26.14 -6.39 -3.68
CA PRO D 9 -27.46 -6.48 -4.28
C PRO D 9 -27.67 -5.49 -5.42
N VAL D 10 -28.09 -5.95 -6.56
CA VAL D 10 -28.12 -5.06 -7.69
C VAL D 10 -29.11 -3.96 -7.56
N ASP D 11 -29.97 -4.05 -6.57
CA ASP D 11 -30.99 -3.05 -6.40
C ASP D 11 -30.46 -1.85 -5.68
N ARG D 12 -29.55 -2.09 -4.76
CA ARG D 12 -28.91 -1.01 -4.07
C ARG D 12 -28.12 -0.27 -5.10
N ILE D 13 -27.56 -1.00 -6.06
CA ILE D 13 -26.78 -0.38 -7.14
C ILE D 13 -27.65 0.45 -8.10
N LEU D 14 -28.80 -0.09 -8.48
CA LEU D 14 -29.75 0.67 -9.27
C LEU D 14 -30.20 1.92 -8.54
N GLU D 15 -30.46 1.81 -7.23
CA GLU D 15 -30.89 2.96 -6.41
C GLU D 15 -29.87 4.06 -6.57
N ALA D 16 -28.59 3.70 -6.49
CA ALA D 16 -27.51 4.68 -6.62
C ALA D 16 -27.53 5.41 -7.96
N GLU D 17 -27.73 4.70 -9.06
CA GLU D 17 -27.80 5.41 -10.36
C GLU D 17 -28.99 6.37 -10.46
N LEU D 18 -30.13 5.98 -9.88
CA LEU D 18 -31.37 6.77 -9.98
C LEU D 18 -31.33 7.97 -9.05
N ALA D 19 -30.83 7.75 -7.84
CA ALA D 19 -30.55 8.82 -6.89
C ALA D 19 -29.72 9.97 -7.46
N VAL D 20 -28.99 9.76 -8.55
CA VAL D 20 -28.28 10.86 -9.21
C VAL D 20 -28.93 11.24 -10.53
N GLU D 21 -30.27 11.19 -10.59
CA GLU D 21 -31.09 11.72 -11.69
C GLU D 21 -30.80 11.00 -12.99
N ASP D 43 -17.71 26.94 -27.56
CA ASP D 43 -16.43 26.39 -27.09
C ASP D 43 -16.60 24.95 -26.48
N PRO D 44 -16.52 23.89 -27.31
CA PRO D 44 -16.76 22.51 -26.83
C PRO D 44 -15.91 22.11 -25.64
N VAL D 45 -14.63 22.46 -25.70
CA VAL D 45 -13.64 21.92 -24.79
C VAL D 45 -13.91 22.45 -23.38
N THR D 46 -14.28 23.72 -23.28
CA THR D 46 -14.64 24.32 -21.99
C THR D 46 -15.89 23.73 -21.40
N ASN D 47 -16.92 23.55 -22.24
CA ASN D 47 -18.20 23.01 -21.80
C ASN D 47 -18.09 21.61 -21.23
N ILE D 48 -17.16 20.84 -21.78
CA ILE D 48 -16.91 19.49 -21.32
C ILE D 48 -16.23 19.52 -19.96
N CYS D 49 -15.23 20.37 -19.81
CA CYS D 49 -14.58 20.50 -18.51
C CYS D 49 -15.53 21.01 -17.44
N GLN D 50 -16.40 21.91 -17.83
CA GLN D 50 -17.36 22.48 -16.92
C GLN D 50 -18.38 21.43 -16.48
N ALA D 51 -18.88 20.62 -17.42
CA ALA D 51 -19.79 19.50 -17.07
C ALA D 51 -19.10 18.41 -16.24
N ALA D 52 -17.81 18.20 -16.51
CA ALA D 52 -17.01 17.26 -15.75
C ALA D 52 -16.86 17.70 -14.28
N ASP D 53 -16.49 18.96 -14.03
CA ASP D 53 -16.44 19.51 -12.66
C ASP D 53 -17.78 19.33 -11.96
N LYS D 54 -18.88 19.63 -12.64
CA LYS D 54 -20.20 19.45 -12.02
C LYS D 54 -20.39 18.00 -11.54
N GLN D 55 -20.06 17.04 -12.39
CA GLN D 55 -20.40 15.64 -12.15
C GLN D 55 -19.50 14.98 -11.13
N LEU D 56 -18.29 15.50 -10.97
CA LEU D 56 -17.40 14.98 -9.96
C LEU D 56 -18.04 15.06 -8.59
N PHE D 57 -18.77 16.13 -8.33
CA PHE D 57 -19.50 16.26 -7.06
C PHE D 57 -20.54 15.16 -6.93
N THR D 58 -21.39 15.05 -7.94
CA THR D 58 -22.38 13.98 -7.99
C THR D 58 -21.79 12.57 -7.86
N LEU D 59 -20.64 12.35 -8.50
CA LEU D 59 -20.03 11.04 -8.54
C LEU D 59 -19.64 10.54 -7.13
N VAL D 60 -19.33 11.47 -6.25
CA VAL D 60 -18.99 11.11 -4.88
C VAL D 60 -20.24 10.64 -4.15
N GLU D 61 -21.37 11.29 -4.40
CA GLU D 61 -22.60 10.83 -3.79
C GLU D 61 -23.03 9.48 -4.34
N TRP D 62 -22.87 9.30 -5.65
CA TRP D 62 -23.05 7.97 -6.26
C TRP D 62 -22.18 6.87 -5.62
N ALA D 63 -20.90 7.14 -5.45
CA ALA D 63 -20.01 6.13 -4.91
C ALA D 63 -20.40 5.74 -3.50
N LYS D 64 -20.80 6.74 -2.71
CA LYS D 64 -21.20 6.52 -1.31
C LYS D 64 -22.37 5.54 -1.18
N ARG D 65 -23.28 5.56 -2.14
CA ARG D 65 -24.43 4.66 -2.17
C ARG D 65 -24.17 3.29 -2.82
N ILE D 66 -22.95 3.01 -3.26
CA ILE D 66 -22.62 1.67 -3.68
C ILE D 66 -22.25 0.86 -2.45
N PRO D 67 -22.84 -0.34 -2.32
CA PRO D 67 -22.57 -1.19 -1.15
C PRO D 67 -21.10 -1.27 -0.84
N HIS D 68 -20.76 -1.07 0.43
CA HIS D 68 -19.42 -1.34 0.98
C HIS D 68 -18.33 -0.38 0.58
N PHE D 69 -18.62 0.53 -0.35
CA PHE D 69 -17.63 1.50 -0.71
C PHE D 69 -17.20 2.27 0.53
N SER D 70 -18.16 2.82 1.28
CA SER D 70 -17.88 3.68 2.45
C SER D 70 -17.29 2.96 3.65
N SER D 71 -17.44 1.64 3.69
CA SER D 71 -16.88 0.83 4.75
C SER D 71 -15.39 0.51 4.46
N LEU D 72 -14.87 0.92 3.31
CA LEU D 72 -13.42 0.87 3.05
C LEU D 72 -12.72 2.02 3.75
N PRO D 73 -11.43 1.84 4.08
CA PRO D 73 -10.62 2.96 4.55
C PRO D 73 -10.83 4.21 3.70
N LEU D 74 -10.74 5.38 4.30
CA LEU D 74 -10.98 6.63 3.61
C LEU D 74 -9.92 6.93 2.54
N ASP D 75 -8.66 6.58 2.82
CA ASP D 75 -7.58 6.76 1.86
C ASP D 75 -7.77 5.86 0.63
N ASP D 76 -8.41 4.72 0.83
CA ASP D 76 -8.70 3.80 -0.27
C ASP D 76 -9.92 4.31 -1.07
N GLN D 77 -10.89 4.89 -0.39
CA GLN D 77 -12.00 5.49 -1.12
C GLN D 77 -11.48 6.58 -2.05
N VAL D 78 -10.55 7.39 -1.55
CA VAL D 78 -10.00 8.50 -2.32
C VAL D 78 -9.31 7.94 -3.55
N ILE D 79 -8.42 6.97 -3.31
CA ILE D 79 -7.63 6.33 -4.38
C ILE D 79 -8.51 5.77 -5.49
N LEU D 80 -9.54 5.01 -5.11
CA LEU D 80 -10.42 4.41 -6.09
C LEU D 80 -11.15 5.43 -6.95
N LEU D 81 -11.57 6.54 -6.36
CA LEU D 81 -12.27 7.59 -7.12
C LEU D 81 -11.33 8.36 -8.01
N ARG D 82 -10.13 8.62 -7.50
CA ARG D 82 -9.08 9.26 -8.28
C ARG D 82 -8.70 8.40 -9.50
N ALA D 83 -8.68 7.07 -9.34
CA ALA D 83 -8.35 6.16 -10.45
C ALA D 83 -9.49 5.96 -11.42
N GLY D 84 -10.71 6.12 -10.94
CA GLY D 84 -11.88 5.72 -11.72
C GLY D 84 -12.68 6.84 -12.34
N TRP D 85 -12.52 8.05 -11.86
CA TRP D 85 -13.53 9.05 -12.13
C TRP D 85 -13.75 9.25 -13.61
N ASN D 86 -12.69 9.14 -14.37
CA ASN D 86 -12.74 9.41 -15.78
C ASN D 86 -13.56 8.38 -16.52
N GLU D 87 -13.29 7.09 -16.31
CA GLU D 87 -14.07 6.05 -16.99
C GLU D 87 -15.50 6.09 -16.48
N LEU D 88 -15.66 6.46 -15.21
CA LEU D 88 -16.98 6.53 -14.60
C LEU D 88 -17.83 7.64 -15.17
N LEU D 89 -17.24 8.79 -15.45
CA LEU D 89 -18.02 9.87 -16.05
C LEU D 89 -18.36 9.62 -17.51
N ILE D 90 -17.43 9.02 -18.24
CA ILE D 90 -17.64 8.66 -19.66
C ILE D 90 -18.74 7.62 -19.81
N ALA D 91 -18.73 6.63 -18.94
CA ALA D 91 -19.75 5.61 -18.99
C ALA D 91 -21.11 6.26 -18.84
N SER D 92 -21.26 7.12 -17.85
CA SER D 92 -22.58 7.67 -17.54
C SER D 92 -23.08 8.68 -18.61
N PHE D 93 -22.20 9.54 -19.13
CA PHE D 93 -22.62 10.43 -20.20
C PHE D 93 -22.85 9.65 -21.52
N SER D 94 -22.19 8.50 -21.68
CA SER D 94 -22.42 7.67 -22.87
C SER D 94 -23.82 7.10 -22.86
N HIS D 95 -24.22 6.53 -21.73
CA HIS D 95 -25.56 5.98 -21.58
C HIS D 95 -26.62 7.08 -21.64
N ARG D 96 -26.35 8.21 -21.02
CA ARG D 96 -27.25 9.37 -21.03
C ARG D 96 -27.55 9.87 -22.44
N SER D 97 -26.63 9.63 -23.36
CA SER D 97 -26.75 10.12 -24.71
C SER D 97 -27.40 9.14 -25.68
N ILE D 98 -27.92 8.03 -25.17
CA ILE D 98 -28.50 6.99 -26.03
C ILE D 98 -29.51 7.51 -27.07
N ASP D 99 -30.33 8.48 -26.69
CA ASP D 99 -31.42 8.94 -27.56
C ASP D 99 -31.05 10.18 -28.36
N VAL D 100 -29.84 10.67 -28.19
CA VAL D 100 -29.30 11.76 -28.98
C VAL D 100 -28.75 11.26 -30.34
N ARG D 101 -28.83 12.12 -31.37
CA ARG D 101 -28.34 11.79 -32.70
C ARG D 101 -27.03 12.50 -33.01
N ASP D 102 -26.03 11.73 -33.42
CA ASP D 102 -24.68 12.26 -33.71
C ASP D 102 -24.15 13.23 -32.66
N GLY D 103 -24.35 12.90 -31.40
CA GLY D 103 -23.72 13.66 -30.32
C GLY D 103 -23.90 13.07 -28.94
N ILE D 104 -23.37 13.78 -27.96
CA ILE D 104 -23.60 13.42 -26.57
C ILE D 104 -24.29 14.54 -25.79
N LEU D 105 -24.95 14.13 -24.71
CA LEU D 105 -25.68 15.04 -23.85
C LEU D 105 -24.95 15.20 -22.53
N LEU D 106 -24.47 16.41 -22.26
CA LEU D 106 -23.78 16.70 -21.02
C LEU D 106 -24.74 16.86 -19.84
N ALA D 107 -24.21 16.75 -18.63
CA ALA D 107 -24.99 16.92 -17.40
C ALA D 107 -25.43 18.37 -17.20
N THR D 108 -24.63 19.28 -17.75
CA THR D 108 -24.98 20.67 -17.80
C THR D 108 -26.22 20.93 -18.68
N GLY D 109 -26.73 19.89 -19.35
CA GLY D 109 -27.88 20.01 -20.24
C GLY D 109 -27.48 20.34 -21.67
N LEU D 110 -26.26 20.82 -21.87
CA LEU D 110 -25.75 21.19 -23.19
C LEU D 110 -25.34 19.98 -24.08
N HIS D 111 -25.65 20.08 -25.37
CA HIS D 111 -25.33 19.05 -26.35
C HIS D 111 -23.96 19.32 -26.97
N VAL D 112 -23.31 18.25 -27.45
CA VAL D 112 -22.08 18.37 -28.26
C VAL D 112 -22.22 17.44 -29.47
N HIS D 113 -22.06 17.98 -30.68
CA HIS D 113 -22.29 17.23 -31.90
C HIS D 113 -20.99 17.09 -32.69
N ARG D 114 -20.94 16.05 -33.52
CA ARG D 114 -19.71 15.68 -34.22
C ARG D 114 -18.96 16.90 -34.76
N ASN D 115 -19.73 17.75 -35.44
CA ASN D 115 -19.20 18.90 -36.16
C ASN D 115 -18.34 19.77 -35.25
N SER D 116 -18.85 20.06 -34.06
CA SER D 116 -18.14 20.90 -33.10
C SER D 116 -16.86 20.19 -32.66
N ALA D 117 -17.03 18.95 -32.19
CA ALA D 117 -15.94 18.09 -31.76
C ALA D 117 -14.76 18.05 -32.73
N HIS D 118 -15.05 18.00 -34.03
CA HIS D 118 -14.01 17.98 -35.08
C HIS D 118 -13.34 19.31 -35.27
N SER D 119 -14.12 20.38 -35.39
CA SER D 119 -13.53 21.72 -35.45
C SER D 119 -12.60 21.96 -34.27
N ALA D 120 -12.93 21.39 -33.11
CA ALA D 120 -12.14 21.54 -31.90
C ALA D 120 -10.92 20.60 -31.81
N GLY D 121 -10.69 19.76 -32.83
CA GLY D 121 -9.60 18.77 -32.83
C GLY D 121 -9.79 17.62 -31.82
N VAL D 122 -11.04 17.25 -31.59
CA VAL D 122 -11.36 16.25 -30.62
C VAL D 122 -12.28 15.21 -31.27
N GLY D 123 -12.27 15.16 -32.60
CA GLY D 123 -13.29 14.43 -33.35
C GLY D 123 -13.07 12.93 -33.44
N ALA D 124 -11.80 12.51 -33.39
CA ALA D 124 -11.47 11.09 -33.51
C ALA D 124 -12.01 10.31 -32.29
N ILE D 125 -11.68 10.81 -31.10
CA ILE D 125 -12.16 10.24 -29.86
C ILE D 125 -13.66 10.38 -29.72
N PHE D 126 -14.19 11.48 -30.23
CA PHE D 126 -15.62 11.66 -30.19
C PHE D 126 -16.33 10.53 -30.95
N ASP D 127 -15.81 10.18 -32.11
CA ASP D 127 -16.45 9.14 -32.94
C ASP D 127 -16.36 7.80 -32.24
N ARG D 128 -15.20 7.55 -31.63
CA ARG D 128 -14.99 6.29 -30.94
C ARG D 128 -16.00 6.09 -29.81
N VAL D 129 -16.27 7.16 -29.07
CA VAL D 129 -17.30 7.12 -28.04
C VAL D 129 -18.65 6.71 -28.60
N LEU D 130 -19.05 7.36 -29.70
CA LEU D 130 -20.37 7.11 -30.32
C LEU D 130 -20.47 5.67 -30.83
N THR D 131 -19.44 5.24 -31.52
CA THR D 131 -19.38 3.89 -32.03
C THR D 131 -19.34 2.84 -30.93
N GLU D 132 -18.30 2.90 -30.08
CA GLU D 132 -18.03 1.82 -29.12
C GLU D 132 -18.87 1.83 -27.87
N LEU D 133 -19.53 2.95 -27.58
CA LEU D 133 -20.31 3.02 -26.34
C LEU D 133 -21.74 3.47 -26.44
N VAL D 134 -22.01 4.50 -27.23
CA VAL D 134 -23.34 5.10 -27.21
C VAL D 134 -24.12 4.12 -28.09
N SER D 135 -23.63 3.91 -29.30
CA SER D 135 -24.23 2.98 -30.23
C SER D 135 -24.46 1.61 -29.61
N LYS D 136 -23.43 1.05 -28.99
CA LYS D 136 -23.51 -0.29 -28.44
C LYS D 136 -24.51 -0.38 -27.32
N MET D 137 -24.48 0.60 -26.43
CA MET D 137 -25.48 0.70 -25.36
C MET D 137 -26.94 0.76 -25.88
N ARG D 138 -27.15 1.57 -26.91
CA ARG D 138 -28.42 1.67 -27.59
C ARG D 138 -28.85 0.32 -28.17
N ASP D 139 -28.00 -0.29 -28.98
CA ASP D 139 -28.35 -1.53 -29.69
C ASP D 139 -28.59 -2.71 -28.78
N MET D 140 -27.92 -2.79 -27.64
CA MET D 140 -28.21 -3.86 -26.67
C MET D 140 -29.25 -3.43 -25.63
N ARG D 141 -29.77 -2.19 -25.73
CA ARG D 141 -30.69 -1.65 -24.70
C ARG D 141 -30.12 -1.93 -23.31
N MET D 142 -28.95 -1.35 -23.08
CA MET D 142 -28.30 -1.58 -21.82
C MET D 142 -29.10 -0.88 -20.74
N ASP D 143 -29.65 -1.62 -19.78
CA ASP D 143 -30.47 -0.97 -18.76
C ASP D 143 -29.63 -0.35 -17.64
N LYS D 144 -30.31 0.39 -16.77
CA LYS D 144 -29.65 1.22 -15.77
C LYS D 144 -29.01 0.42 -14.65
N THR D 145 -29.52 -0.79 -14.41
CA THR D 145 -28.90 -1.66 -13.43
C THR D 145 -27.56 -2.19 -13.98
N GLU D 146 -27.58 -2.59 -15.26
CA GLU D 146 -26.40 -3.13 -15.92
C GLU D 146 -25.32 -2.06 -16.00
N LEU D 147 -25.71 -0.83 -16.34
CA LEU D 147 -24.79 0.30 -16.28
C LEU D 147 -24.22 0.43 -14.87
N GLY D 148 -25.10 0.48 -13.88
CA GLY D 148 -24.67 0.58 -12.51
C GLY D 148 -23.65 -0.47 -12.13
N CYS D 149 -23.86 -1.70 -12.55
CA CYS D 149 -22.94 -2.78 -12.21
C CYS D 149 -21.58 -2.61 -12.90
N LEU D 150 -21.62 -2.25 -14.17
CA LEU D 150 -20.39 -1.93 -14.90
C LEU D 150 -19.62 -0.82 -14.21
N ARG D 151 -20.31 0.24 -13.81
CA ARG D 151 -19.64 1.33 -13.12
C ARG D 151 -19.09 0.87 -11.76
N ALA D 152 -19.82 0.05 -11.05
CA ALA D 152 -19.29 -0.43 -9.78
C ALA D 152 -18.06 -1.30 -9.99
N ILE D 153 -18.06 -2.07 -11.07
CA ILE D 153 -16.89 -2.86 -11.44
C ILE D 153 -15.71 -1.97 -11.71
N ILE D 154 -15.94 -0.87 -12.42
CA ILE D 154 -14.88 0.07 -12.70
C ILE D 154 -14.36 0.68 -11.42
N LEU D 155 -15.28 1.07 -10.55
CA LEU D 155 -14.94 1.70 -9.30
C LEU D 155 -14.02 0.83 -8.47
N PHE D 156 -14.42 -0.41 -8.27
CA PHE D 156 -13.73 -1.30 -7.34
C PHE D 156 -12.58 -1.91 -8.10
N ASN D 157 -11.51 -1.15 -8.27
CA ASN D 157 -10.37 -1.56 -9.05
C ASN D 157 -9.15 -1.88 -8.16
N PRO D 158 -8.88 -3.18 -7.97
CA PRO D 158 -7.80 -3.62 -7.10
C PRO D 158 -6.40 -3.27 -7.59
N ASP D 159 -6.29 -2.87 -8.85
CA ASP D 159 -5.03 -2.47 -9.44
C ASP D 159 -4.69 -0.99 -9.28
N ALA D 160 -5.57 -0.22 -8.66
CA ALA D 160 -5.23 1.16 -8.33
C ALA D 160 -4.05 1.21 -7.36
N LYS D 161 -3.10 2.11 -7.61
CA LYS D 161 -1.90 2.17 -6.78
C LYS D 161 -2.14 2.84 -5.45
N GLY D 162 -1.36 2.45 -4.45
CA GLY D 162 -1.46 3.00 -3.11
C GLY D 162 -2.44 2.28 -2.19
N LEU D 163 -3.20 1.32 -2.71
CA LEU D 163 -4.29 0.72 -1.96
C LEU D 163 -3.77 -0.04 -0.74
N SER D 164 -4.35 0.23 0.43
CA SER D 164 -3.98 -0.45 1.68
C SER D 164 -4.26 -1.95 1.59
N ASN D 165 -5.50 -2.34 1.32
CA ASN D 165 -5.85 -3.75 1.07
C ASN D 165 -6.47 -3.96 -0.32
N PRO D 166 -5.65 -4.35 -1.30
CA PRO D 166 -6.15 -4.62 -2.64
C PRO D 166 -7.09 -5.84 -2.74
N SER D 167 -6.82 -6.87 -1.95
CA SER D 167 -7.65 -8.09 -1.97
C SER D 167 -9.08 -7.75 -1.55
N GLU D 168 -9.18 -6.90 -0.54
CA GLU D 168 -10.47 -6.41 -0.08
C GLU D 168 -11.27 -5.91 -1.28
N VAL D 169 -10.62 -5.11 -2.12
CA VAL D 169 -11.26 -4.51 -3.28
C VAL D 169 -11.54 -5.53 -4.37
N GLU D 170 -10.63 -6.47 -4.60
CA GLU D 170 -10.85 -7.49 -5.58
C GLU D 170 -12.12 -8.29 -5.27
N VAL D 171 -12.34 -8.52 -3.98
CA VAL D 171 -13.46 -9.34 -3.54
C VAL D 171 -14.79 -8.64 -3.80
N LEU D 172 -14.79 -7.32 -3.57
CA LEU D 172 -15.95 -6.50 -3.87
C LEU D 172 -16.25 -6.47 -5.35
N ARG D 173 -15.19 -6.33 -6.14
CA ARG D 173 -15.35 -6.34 -7.58
C ARG D 173 -16.02 -7.63 -8.00
N GLU D 174 -15.55 -8.74 -7.44
CA GLU D 174 -16.03 -10.08 -7.81
C GLU D 174 -17.49 -10.29 -7.45
N LYS D 175 -17.90 -9.74 -6.31
CA LYS D 175 -19.30 -9.82 -5.96
C LYS D 175 -20.15 -9.12 -7.00
N VAL D 176 -19.65 -8.00 -7.54
CA VAL D 176 -20.40 -7.35 -8.61
C VAL D 176 -20.48 -8.27 -9.83
N TYR D 177 -19.40 -8.96 -10.17
CA TYR D 177 -19.43 -9.93 -11.29
C TYR D 177 -20.59 -10.89 -11.11
N ALA D 178 -20.73 -11.38 -9.89
CA ALA D 178 -21.68 -12.44 -9.54
C ALA D 178 -23.11 -11.94 -9.53
N SER D 179 -23.34 -10.81 -8.88
CA SER D 179 -24.65 -10.19 -8.88
C SER D 179 -25.09 -9.90 -10.29
N LEU D 180 -24.18 -9.37 -11.09
CA LEU D 180 -24.51 -8.96 -12.43
C LEU D 180 -24.90 -10.14 -13.28
N GLU D 181 -24.12 -11.23 -13.22
CA GLU D 181 -24.39 -12.32 -14.13
C GLU D 181 -25.75 -12.87 -13.77
N THR D 182 -25.99 -13.04 -12.47
CA THR D 182 -27.28 -13.51 -11.98
C THR D 182 -28.44 -12.62 -12.52
N TYR D 183 -28.36 -11.31 -12.29
CA TYR D 183 -29.32 -10.39 -12.88
C TYR D 183 -29.54 -10.64 -14.35
N CYS D 184 -28.47 -10.83 -15.10
CA CYS D 184 -28.60 -10.99 -16.55
C CYS D 184 -29.34 -12.26 -16.93
N LYS D 185 -29.11 -13.32 -16.17
CA LYS D 185 -29.70 -14.60 -16.43
C LYS D 185 -31.16 -14.60 -16.06
N GLN D 186 -31.46 -13.86 -15.01
CA GLN D 186 -32.82 -13.62 -14.64
C GLN D 186 -33.71 -12.61 -15.34
N LYS D 187 -33.21 -11.43 -15.61
CA LYS D 187 -33.92 -10.49 -16.48
C LYS D 187 -33.82 -10.73 -17.99
N TYR D 188 -32.80 -11.43 -18.48
CA TYR D 188 -32.66 -11.65 -19.92
C TYR D 188 -32.22 -13.08 -20.25
N PRO D 189 -33.04 -14.09 -19.87
CA PRO D 189 -32.67 -15.52 -19.99
C PRO D 189 -32.47 -16.05 -21.40
N GLU D 190 -33.14 -15.43 -22.36
CA GLU D 190 -33.04 -15.85 -23.75
C GLU D 190 -31.74 -15.33 -24.41
N GLN D 191 -31.08 -14.36 -23.75
CA GLN D 191 -29.81 -13.79 -24.24
C GLN D 191 -28.65 -14.34 -23.45
N GLN D 192 -28.20 -15.52 -23.85
CA GLN D 192 -27.12 -16.21 -23.15
C GLN D 192 -25.74 -15.52 -23.19
N GLY D 193 -25.51 -14.65 -24.17
CA GLY D 193 -24.23 -13.95 -24.28
C GLY D 193 -24.19 -12.58 -23.62
N ARG D 194 -25.26 -12.19 -22.94
CA ARG D 194 -25.48 -10.81 -22.45
C ARG D 194 -24.45 -10.36 -21.43
N PHE D 195 -24.21 -11.21 -20.44
CA PHE D 195 -23.25 -10.88 -19.43
C PHE D 195 -21.92 -10.54 -20.10
N ALA D 196 -21.42 -11.40 -20.96
CA ALA D 196 -20.16 -11.13 -21.61
C ALA D 196 -20.24 -9.88 -22.47
N LYS D 197 -21.36 -9.64 -23.13
CA LYS D 197 -21.46 -8.48 -23.99
C LYS D 197 -21.18 -7.19 -23.23
N LEU D 198 -21.64 -7.16 -21.98
CA LEU D 198 -21.46 -6.03 -21.08
C LEU D 198 -20.01 -5.87 -20.68
N LEU D 199 -19.40 -6.94 -20.20
CA LEU D 199 -18.02 -6.89 -19.83
C LEU D 199 -17.10 -6.49 -21.00
N LEU D 200 -17.41 -6.92 -22.21
CA LEU D 200 -16.55 -6.58 -23.36
C LEU D 200 -16.66 -5.13 -23.82
N ARG D 201 -17.50 -4.35 -23.15
CA ARG D 201 -17.44 -2.92 -23.33
C ARG D 201 -16.26 -2.34 -22.55
N LEU D 202 -15.77 -3.06 -21.55
CA LEU D 202 -14.81 -2.45 -20.65
C LEU D 202 -13.43 -2.21 -21.26
N PRO D 203 -12.96 -3.08 -22.16
CA PRO D 203 -11.65 -2.79 -22.73
C PRO D 203 -11.70 -1.57 -23.61
N ALA D 204 -12.75 -1.46 -24.41
CA ALA D 204 -12.93 -0.32 -25.27
C ALA D 204 -13.02 0.92 -24.43
N LEU D 205 -13.70 0.82 -23.31
CA LEU D 205 -13.82 1.94 -22.42
C LEU D 205 -12.46 2.38 -21.91
N ARG D 206 -11.64 1.41 -21.52
CA ARG D 206 -10.35 1.72 -20.95
C ARG D 206 -9.48 2.48 -21.93
N SER D 207 -9.47 2.06 -23.19
CA SER D 207 -8.63 2.69 -24.20
C SER D 207 -9.14 4.07 -24.47
N ILE D 208 -10.45 4.16 -24.64
CA ILE D 208 -11.09 5.43 -24.86
C ILE D 208 -10.83 6.38 -23.70
N GLY D 209 -10.87 5.86 -22.49
CA GLY D 209 -10.63 6.66 -21.31
C GLY D 209 -9.22 7.21 -21.32
N LEU D 210 -8.26 6.36 -21.61
CA LEU D 210 -6.88 6.81 -21.63
C LEU D 210 -6.77 7.94 -22.64
N LYS D 211 -7.37 7.78 -23.79
CA LYS D 211 -7.32 8.87 -24.74
C LYS D 211 -8.02 10.18 -24.26
N CYS D 212 -9.16 10.09 -23.57
CA CYS D 212 -9.79 11.31 -23.02
C CYS D 212 -8.91 11.96 -21.95
N LEU D 213 -8.27 11.15 -21.12
CA LEU D 213 -7.42 11.70 -20.09
C LEU D 213 -6.36 12.60 -20.72
N GLU D 214 -5.75 12.09 -21.77
CA GLU D 214 -4.85 12.85 -22.64
C GLU D 214 -5.40 14.27 -22.96
N HIS D 215 -6.55 14.35 -23.60
CA HIS D 215 -7.16 15.63 -23.91
C HIS D 215 -7.42 16.52 -22.68
N LEU D 216 -7.87 15.94 -21.58
CA LEU D 216 -8.04 16.71 -20.36
C LEU D 216 -6.69 17.25 -19.83
N PHE D 217 -5.64 16.45 -19.93
CA PHE D 217 -4.31 16.93 -19.58
C PHE D 217 -3.86 18.09 -20.47
N PHE D 218 -4.27 18.10 -21.73
CA PHE D 218 -3.95 19.22 -22.61
C PHE D 218 -4.75 20.46 -22.24
N PHE D 219 -6.05 20.34 -22.04
CA PHE D 219 -6.78 21.50 -21.55
C PHE D 219 -6.07 22.09 -20.32
N LYS D 220 -5.58 21.24 -19.41
CA LYS D 220 -4.91 21.74 -18.22
C LYS D 220 -3.71 22.60 -18.59
N LEU D 221 -2.94 22.20 -19.59
CA LEU D 221 -1.76 23.00 -19.99
C LEU D 221 -2.09 24.28 -20.80
N ILE D 222 -3.36 24.69 -20.92
CA ILE D 222 -3.87 25.54 -22.05
C ILE D 222 -5.33 26.16 -21.92
N GLY D 223 -5.43 27.48 -21.97
CA GLY D 223 -6.74 28.15 -22.21
C GLY D 223 -7.66 28.30 -21.00
N ASP D 228 -12.71 25.12 -12.79
CA ASP D 228 -11.92 23.94 -12.97
C ASP D 228 -11.34 23.46 -11.64
N THR D 229 -12.03 23.64 -10.54
CA THR D 229 -11.34 23.55 -9.26
C THR D 229 -11.21 22.08 -8.78
N PHE D 230 -12.32 21.33 -8.82
CA PHE D 230 -12.34 19.91 -8.45
C PHE D 230 -11.65 19.11 -9.55
N LEU D 231 -12.05 19.35 -10.80
CA LEU D 231 -11.39 18.75 -11.95
C LEU D 231 -9.87 18.93 -11.90
N MET D 232 -9.44 20.15 -11.57
CA MET D 232 -8.03 20.47 -11.38
C MET D 232 -7.40 19.57 -10.33
N GLU D 233 -8.10 19.41 -9.23
CA GLU D 233 -7.59 18.59 -8.16
C GLU D 233 -7.38 17.18 -8.66
N MET D 234 -8.35 16.70 -9.42
CA MET D 234 -8.33 15.33 -9.93
C MET D 234 -7.19 15.09 -10.91
N LEU D 235 -6.72 16.12 -11.60
CA LEU D 235 -5.61 15.95 -12.54
C LEU D 235 -4.19 16.07 -11.94
N GLU D 236 -4.04 16.36 -10.65
CA GLU D 236 -2.71 16.41 -10.00
C GLU D 236 -2.34 15.09 -9.37
N ALA D 237 -1.04 14.79 -9.20
CA ALA D 237 -0.57 13.67 -8.34
C ALA D 237 0.15 14.17 -7.07
N GLY D 242 -3.34 14.59 0.40
CA GLY D 242 -3.25 15.85 1.17
C GLY D 242 -3.50 17.09 0.32
N SER D 243 -3.16 16.98 -0.95
CA SER D 243 -3.52 18.01 -1.93
C SER D 243 -4.97 17.80 -2.40
N HIS D 244 -5.48 16.59 -2.16
CA HIS D 244 -6.79 16.15 -2.70
C HIS D 244 -7.85 16.45 -1.66
N LYS D 245 -7.96 17.73 -1.37
CA LYS D 245 -8.65 18.23 -0.18
C LYS D 245 -10.16 18.27 -0.40
N ILE D 246 -10.58 18.69 -1.57
CA ILE D 246 -12.01 18.69 -1.91
C ILE D 246 -12.59 17.28 -1.81
N LEU D 247 -11.90 16.31 -2.38
CA LEU D 247 -12.37 14.94 -2.33
C LEU D 247 -12.54 14.45 -0.89
N HIS D 248 -11.50 14.63 -0.08
CA HIS D 248 -11.56 14.30 1.36
C HIS D 248 -12.77 14.91 2.07
N ARG D 249 -12.90 16.22 1.98
CA ARG D 249 -13.97 16.94 2.65
C ARG D 249 -15.26 16.21 2.31
N LEU D 250 -15.48 16.06 1.01
CA LEU D 250 -16.72 15.51 0.47
C LEU D 250 -17.14 14.11 0.96
N LEU D 251 -16.19 13.23 1.29
CA LEU D 251 -16.54 11.92 1.85
C LEU D 251 -16.64 11.98 3.37
N GLN D 252 -17.65 12.68 3.90
CA GLN D 252 -17.87 12.81 5.35
C GLN D 252 -19.30 13.18 5.72
#